data_8J1G
#
_entry.id   8J1G
#
_cell.length_a   63.473
_cell.length_b   70.306
_cell.length_c   100.137
_cell.angle_alpha   88.65
_cell.angle_beta   72.53
_cell.angle_gamma   86.53
#
_symmetry.space_group_name_H-M   'P 1'
#
loop_
_entity.id
_entity.type
_entity.pdbx_description
1 polymer 'Ornithine cyclodeaminase family protein'
2 non-polymer 'NADPH DIHYDRO-NICOTINAMIDE-ADENINE-DINUCLEOTIDE PHOSPHATE'
3 non-polymer ARGININE
4 non-polymer 1,2-ETHANEDIOL
5 water water
#
_entity_poly.entity_id   1
_entity_poly.type   'polypeptide(L)'
_entity_poly.pdbx_seq_one_letter_code
;MSSTPHVIQQAQARELLAQIDVPQILHKLFRDLAAGLAVQPAQQLVAFPKGAGDFINYLGVLAEDGVYGVKTSPYIVGEQ
GPLVTAWTLLMSMHNGQPLLLCDAHELTTARTAATTALAVDALAPLAARRLAIIGSGKVAQAHLRYVQNLRDWQHISLFS
PSLASASPATLAQLTGLDPRLSIADSCAAAVADADVIMLCTSSAGPVLDPAHLSKPALITSISTNAPRAHEVPPHSLNAM
QVFCDYRQTTPDAAGEMLIASEQHGWDKRAVMGDLPELLSDMAQRPDYQRPVFFRSIGLGLEDIALANALYQLQRDPNSS
SVDKLAAALEHHHHHH
;
_entity_poly.pdbx_strand_id   A,B,C,D
#
# COMPACT_ATOMS: atom_id res chain seq x y z
N THR A 4 -3.68 0.36 9.94
CA THR A 4 -2.78 1.13 10.77
C THR A 4 -3.02 2.67 10.61
N PRO A 5 -2.49 3.44 11.57
CA PRO A 5 -2.04 2.94 12.87
C PRO A 5 -3.20 2.75 13.84
N HIS A 6 -3.19 1.63 14.56
CA HIS A 6 -4.25 1.37 15.55
C HIS A 6 -4.17 2.23 16.87
N VAL A 7 -5.27 2.81 17.40
CA VAL A 7 -5.27 3.58 18.64
C VAL A 7 -5.95 2.76 19.74
N ILE A 8 -5.15 2.17 20.65
CA ILE A 8 -5.68 1.45 21.81
C ILE A 8 -5.86 2.45 22.95
N GLN A 9 -7.05 2.43 23.58
CA GLN A 9 -7.27 3.20 24.79
C GLN A 9 -7.25 2.26 25.99
N GLN A 10 -7.55 2.85 27.17
CA GLN A 10 -7.37 2.22 28.47
C GLN A 10 -7.93 0.80 28.47
N ALA A 11 -9.25 0.72 28.19
CA ALA A 11 -10.00 -0.50 28.19
C ALA A 11 -9.27 -1.60 27.42
N GLN A 12 -9.06 -1.35 26.13
CA GLN A 12 -8.52 -2.38 25.26
C GLN A 12 -7.11 -2.72 25.70
N ALA A 13 -6.42 -1.77 26.34
CA ALA A 13 -5.06 -1.95 26.82
C ALA A 13 -5.03 -2.94 27.99
N ARG A 14 -5.83 -2.68 29.03
CA ARG A 14 -5.92 -3.57 30.17
C ARG A 14 -6.21 -4.97 29.68
N GLU A 15 -7.16 -5.06 28.74
CA GLU A 15 -7.58 -6.33 28.19
C GLU A 15 -6.37 -7.06 27.63
N LEU A 16 -5.60 -6.39 26.79
CA LEU A 16 -4.50 -7.06 26.12
C LEU A 16 -3.33 -7.21 27.07
N LEU A 17 -3.26 -6.37 28.11
CA LEU A 17 -2.19 -6.45 29.07
C LEU A 17 -2.35 -7.75 29.88
N ALA A 18 -3.60 -8.17 30.08
CA ALA A 18 -3.91 -9.41 30.81
C ALA A 18 -3.50 -10.65 30.00
N GLN A 19 -3.25 -10.49 28.68
CA GLN A 19 -2.96 -11.64 27.83
C GLN A 19 -1.49 -11.77 27.49
N ILE A 20 -0.59 -11.09 28.22
CA ILE A 20 0.81 -11.12 27.86
C ILE A 20 1.67 -11.37 29.10
N ASP A 21 2.81 -12.02 28.86
CA ASP A 21 3.64 -12.44 29.96
C ASP A 21 4.71 -11.37 30.10
N VAL A 22 4.49 -10.46 31.06
CA VAL A 22 5.31 -9.26 31.13
C VAL A 22 6.72 -9.68 31.56
N PRO A 23 6.88 -10.41 32.67
CA PRO A 23 8.21 -10.83 33.10
C PRO A 23 9.06 -11.49 32.01
N GLN A 24 8.43 -12.25 31.13
CA GLN A 24 9.18 -12.92 30.08
C GLN A 24 9.61 -11.87 29.10
N ILE A 25 8.67 -11.10 28.60
CA ILE A 25 8.98 -9.99 27.71
C ILE A 25 10.16 -9.20 28.25
N LEU A 26 10.11 -8.81 29.52
CA LEU A 26 11.18 -8.04 30.11
C LEU A 26 12.49 -8.81 30.23
N HIS A 27 12.43 -10.04 30.70
CA HIS A 27 13.64 -10.83 30.90
C HIS A 27 14.45 -10.90 29.61
N LYS A 28 13.80 -11.24 28.51
CA LYS A 28 14.46 -11.25 27.20
C LYS A 28 14.96 -9.84 26.81
N LEU A 29 14.10 -8.82 26.96
CA LEU A 29 14.49 -7.47 26.62
C LEU A 29 15.88 -7.16 27.13
N PHE A 30 16.08 -7.32 28.44
CA PHE A 30 17.32 -6.91 29.07
C PHE A 30 18.46 -7.74 28.53
N ARG A 31 18.16 -9.02 28.22
CA ARG A 31 19.16 -9.94 27.72
C ARG A 31 19.52 -9.42 26.34
N ASP A 32 18.49 -9.20 25.51
CA ASP A 32 18.59 -8.43 24.27
C ASP A 32 19.43 -7.17 24.49
N LEU A 33 19.10 -6.35 25.51
CA LEU A 33 19.81 -5.09 25.73
C LEU A 33 21.31 -5.32 25.86
N ALA A 34 21.66 -6.37 26.63
CA ALA A 34 23.01 -6.66 27.02
C ALA A 34 23.83 -7.02 25.80
N ALA A 35 23.12 -7.61 24.82
CA ALA A 35 23.73 -8.14 23.61
C ALA A 35 23.85 -7.08 22.51
N GLY A 36 23.33 -5.86 22.74
CA GLY A 36 23.34 -4.79 21.75
C GLY A 36 22.30 -5.01 20.66
N LEU A 37 21.26 -5.80 20.94
CA LEU A 37 20.18 -5.99 19.99
C LEU A 37 19.01 -5.07 20.33
N ALA A 38 19.26 -4.20 21.32
CA ALA A 38 18.29 -3.25 21.78
C ALA A 38 19.05 -2.04 22.30
N VAL A 39 18.53 -0.83 22.01
CA VAL A 39 19.21 0.37 22.46
C VAL A 39 18.33 1.11 23.46
N GLN A 40 18.95 1.66 24.51
CA GLN A 40 18.21 2.36 25.55
C GLN A 40 18.76 3.79 25.69
N PRO A 41 18.25 4.79 24.94
CA PRO A 41 18.68 6.17 25.15
C PRO A 41 18.27 6.65 26.52
N ALA A 42 18.96 7.66 27.03
CA ALA A 42 18.55 8.36 28.23
C ALA A 42 17.16 9.00 28.05
N GLN A 43 16.43 9.10 29.17
CA GLN A 43 15.14 9.76 29.20
C GLN A 43 15.36 11.27 29.05
N GLN A 44 14.32 11.98 28.61
CA GLN A 44 14.44 13.42 28.39
C GLN A 44 13.31 14.12 29.12
N LEU A 45 13.66 14.94 30.12
CA LEU A 45 12.66 15.72 30.85
C LEU A 45 12.58 17.15 30.27
N VAL A 46 11.38 17.64 29.94
CA VAL A 46 11.22 19.01 29.44
C VAL A 46 10.18 19.75 30.26
N ALA A 47 10.64 20.79 30.99
CA ALA A 47 9.80 21.67 31.80
C ALA A 47 8.82 22.46 30.93
N PHE A 48 7.56 22.54 31.41
CA PHE A 48 6.60 23.52 30.93
C PHE A 48 6.91 24.89 31.53
N PRO A 49 6.56 25.99 30.81
CA PRO A 49 6.64 27.33 31.39
C PRO A 49 5.56 27.59 32.44
N LYS A 50 5.91 28.47 33.38
CA LYS A 50 5.01 29.05 34.39
C LYS A 50 4.64 28.01 35.44
N GLY A 51 5.61 27.12 35.76
CA GLY A 51 5.48 26.11 36.80
C GLY A 51 4.34 25.14 36.55
N ALA A 52 3.85 25.12 35.30
CA ALA A 52 2.64 24.42 34.93
C ALA A 52 2.86 22.91 34.90
N GLY A 53 4.14 22.49 34.89
CA GLY A 53 4.51 21.09 34.93
C GLY A 53 5.63 20.73 33.95
N ASP A 54 5.65 19.47 33.56
CA ASP A 54 6.64 18.95 32.66
C ASP A 54 6.11 17.71 31.93
N PHE A 55 7.02 17.04 31.23
CA PHE A 55 6.78 15.75 30.63
C PHE A 55 8.14 15.12 30.46
N ILE A 56 8.11 13.80 30.46
CA ILE A 56 9.27 13.01 30.17
C ILE A 56 8.91 12.21 28.95
N ASN A 57 9.87 12.16 28.04
CA ASN A 57 9.79 11.21 26.93
C ASN A 57 10.73 10.05 27.23
N TYR A 58 10.29 8.86 26.86
CA TYR A 58 11.12 7.65 26.99
C TYR A 58 11.29 7.01 25.62
N LEU A 59 12.53 6.69 25.26
CA LEU A 59 12.75 5.94 24.04
C LEU A 59 13.11 4.46 24.32
N GLY A 60 12.88 3.63 23.29
CA GLY A 60 13.65 2.41 23.08
C GLY A 60 13.65 1.94 21.62
N VAL A 61 14.74 1.28 21.24
CA VAL A 61 14.83 0.58 19.98
C VAL A 61 14.91 -0.93 20.28
N LEU A 62 13.94 -1.66 19.68
CA LEU A 62 13.86 -3.11 19.64
C LEU A 62 14.11 -3.62 18.21
N ALA A 63 15.37 -3.54 17.77
CA ALA A 63 15.74 -4.07 16.47
C ALA A 63 15.30 -5.52 16.30
N GLU A 64 15.48 -6.38 17.34
CA GLU A 64 15.09 -7.78 17.24
C GLU A 64 13.64 -7.91 16.79
N ASP A 65 12.81 -6.88 17.04
CA ASP A 65 11.41 -6.91 16.68
C ASP A 65 11.07 -5.95 15.55
N GLY A 66 12.06 -5.19 15.09
CA GLY A 66 11.88 -4.27 13.97
C GLY A 66 10.95 -3.11 14.30
N VAL A 67 11.07 -2.56 15.50
CA VAL A 67 10.22 -1.48 15.94
C VAL A 67 11.04 -0.64 16.92
N TYR A 68 10.73 0.66 16.94
CA TYR A 68 11.29 1.61 17.90
C TYR A 68 10.11 2.41 18.41
N GLY A 69 10.26 3.16 19.48
CA GLY A 69 9.13 4.00 19.86
C GLY A 69 9.48 5.03 20.91
N VAL A 70 8.43 5.73 21.33
CA VAL A 70 8.61 6.80 22.28
C VAL A 70 7.39 6.70 23.16
N LYS A 71 7.61 6.90 24.47
CA LYS A 71 6.49 7.08 25.39
C LYS A 71 6.58 8.49 25.95
N THR A 72 5.43 9.17 25.95
CA THR A 72 5.47 10.55 26.42
C THR A 72 4.60 10.61 27.65
N SER A 73 5.15 11.17 28.70
CA SER A 73 4.46 11.14 29.97
C SER A 73 4.48 12.55 30.59
N PRO A 74 3.36 13.30 30.44
CA PRO A 74 3.21 14.60 31.09
C PRO A 74 2.65 14.64 32.51
N TYR A 75 3.27 15.51 33.32
CA TYR A 75 2.82 15.89 34.65
C TYR A 75 2.18 17.27 34.61
N ILE A 76 0.85 17.34 34.66
CA ILE A 76 0.12 18.60 34.55
C ILE A 76 -0.48 18.92 35.90
N VAL A 77 -0.23 20.14 36.38
CA VAL A 77 -0.66 20.54 37.71
C VAL A 77 -2.12 21.02 37.64
N PRO A 82 -3.51 17.09 40.01
CA PRO A 82 -2.11 16.75 39.74
C PRO A 82 -2.01 15.62 38.71
N LEU A 83 -2.14 15.95 37.42
CA LEU A 83 -2.53 14.97 36.41
C LEU A 83 -1.32 14.41 35.67
N VAL A 84 -1.24 13.06 35.63
CA VAL A 84 -0.13 12.32 35.02
C VAL A 84 -0.67 11.31 34.02
N THR A 85 -0.13 11.28 32.80
CA THR A 85 -0.60 10.32 31.80
C THR A 85 0.61 9.68 31.12
N ALA A 86 0.31 8.76 30.18
CA ALA A 86 1.34 8.02 29.48
C ALA A 86 0.80 7.47 28.18
N TRP A 87 1.52 7.78 27.11
CA TRP A 87 1.13 7.46 25.75
C TRP A 87 2.35 7.08 24.91
N THR A 88 2.19 5.90 24.31
CA THR A 88 3.28 5.34 23.57
C THR A 88 2.96 5.28 22.11
N LEU A 89 3.97 5.49 21.31
CA LEU A 89 3.88 5.54 19.87
C LEU A 89 4.97 4.61 19.40
N LEU A 90 4.53 3.68 18.58
CA LEU A 90 5.42 2.62 18.17
C LEU A 90 5.56 2.75 16.67
N MET A 91 6.79 2.65 16.21
CA MET A 91 7.13 2.96 14.85
C MET A 91 7.89 1.77 14.28
N SER A 92 7.68 1.49 12.98
CA SER A 92 8.35 0.39 12.33
C SER A 92 9.74 0.82 11.90
N MET A 93 10.72 -0.06 12.15
CA MET A 93 12.10 0.10 11.69
C MET A 93 12.27 -0.42 10.26
N HIS A 94 11.17 -0.87 9.61
CA HIS A 94 11.23 -1.33 8.24
C HIS A 94 10.70 -0.23 7.30
N ASN A 95 9.45 0.24 7.49
CA ASN A 95 8.92 1.28 6.61
C ASN A 95 8.77 2.62 7.34
N GLY A 96 9.23 2.73 8.58
CA GLY A 96 9.22 4.03 9.23
C GLY A 96 7.83 4.64 9.42
N GLN A 97 6.77 3.82 9.27
CA GLN A 97 5.39 4.23 9.50
C GLN A 97 4.97 3.88 10.92
N PRO A 98 3.93 4.55 11.48
CA PRO A 98 3.43 4.22 12.82
C PRO A 98 2.60 2.95 12.89
N LEU A 99 2.92 2.10 13.86
CA LEU A 99 2.24 0.81 13.99
C LEU A 99 1.06 0.92 14.95
N LEU A 100 1.29 1.61 16.06
CA LEU A 100 0.37 1.62 17.18
C LEU A 100 0.54 2.89 18.01
N LEU A 101 -0.58 3.47 18.46
CA LEU A 101 -0.54 4.48 19.52
C LEU A 101 -1.38 4.03 20.71
N CYS A 102 -0.77 3.96 21.89
CA CYS A 102 -1.36 3.17 22.97
C CYS A 102 -1.37 3.93 24.29
N ASP A 103 -2.57 4.16 24.86
CA ASP A 103 -2.56 4.63 26.23
C ASP A 103 -1.86 3.57 27.09
N ALA A 104 -0.95 4.03 27.96
CA ALA A 104 0.03 3.20 28.65
C ALA A 104 0.04 3.50 30.14
N HIS A 105 -1.06 4.06 30.63
CA HIS A 105 -1.33 4.11 32.05
C HIS A 105 -1.00 2.73 32.66
N GLU A 106 -1.65 1.65 32.21
CA GLU A 106 -1.58 0.38 32.95
C GLU A 106 -0.28 -0.35 32.64
N LEU A 107 0.20 -0.26 31.39
CA LEU A 107 1.41 -0.95 30.95
C LEU A 107 2.62 -0.47 31.76
N THR A 108 2.55 0.76 32.28
CA THR A 108 3.63 1.34 33.05
C THR A 108 3.63 0.75 34.46
N THR A 109 2.43 0.49 35.00
CA THR A 109 2.33 -0.09 36.31
C THR A 109 2.90 -1.51 36.29
N ALA A 110 2.46 -2.27 35.28
CA ALA A 110 2.93 -3.61 35.03
C ALA A 110 4.45 -3.63 34.98
N ARG A 111 5.04 -2.87 34.06
CA ARG A 111 6.44 -3.04 33.74
C ARG A 111 7.31 -2.56 34.90
N THR A 112 6.76 -1.70 35.75
CA THR A 112 7.53 -1.14 36.85
C THR A 112 7.61 -2.21 37.93
N ALA A 113 6.50 -2.92 38.12
CA ALA A 113 6.43 -4.01 39.07
C ALA A 113 7.29 -5.18 38.59
N ALA A 114 7.11 -5.55 37.32
CA ALA A 114 7.79 -6.70 36.77
C ALA A 114 9.30 -6.48 36.78
N THR A 115 9.69 -5.25 36.51
CA THR A 115 11.10 -4.90 36.40
C THR A 115 11.77 -5.09 37.75
N THR A 116 11.10 -4.60 38.81
CA THR A 116 11.58 -4.76 40.17
C THR A 116 11.60 -6.26 40.53
N ALA A 117 10.61 -7.02 40.06
CA ALA A 117 10.53 -8.46 40.30
C ALA A 117 11.80 -9.13 39.81
N LEU A 118 12.21 -8.85 38.54
CA LEU A 118 13.44 -9.42 37.99
C LEU A 118 14.64 -9.07 38.85
N ALA A 119 14.66 -7.92 39.51
CA ALA A 119 15.77 -7.60 40.39
C ALA A 119 15.72 -8.47 41.64
N VAL A 120 14.51 -8.78 42.12
CA VAL A 120 14.37 -9.49 43.37
C VAL A 120 14.83 -10.96 43.17
N ASP A 121 14.38 -11.54 42.07
CA ASP A 121 14.72 -12.88 41.65
C ASP A 121 16.23 -13.07 41.47
N ALA A 122 16.94 -12.01 41.09
CA ALA A 122 18.35 -12.15 40.76
C ALA A 122 19.24 -11.71 41.91
N LEU A 123 18.68 -11.00 42.88
CA LEU A 123 19.54 -10.32 43.85
C LEU A 123 19.26 -10.85 45.26
N ALA A 124 18.00 -11.23 45.51
CA ALA A 124 17.64 -11.67 46.85
C ALA A 124 18.29 -13.02 47.14
N PRO A 125 18.61 -13.34 48.42
CA PRO A 125 18.96 -14.72 48.80
C PRO A 125 17.90 -15.68 48.27
N LEU A 126 18.36 -16.88 47.84
CA LEU A 126 17.51 -17.96 47.35
C LEU A 126 16.58 -18.45 48.45
N ALA A 127 17.04 -18.38 49.70
CA ALA A 127 16.19 -18.85 50.79
C ALA A 127 15.73 -17.73 51.70
N ALA A 128 15.47 -16.57 51.13
CA ALA A 128 14.89 -15.49 51.91
C ALA A 128 13.46 -15.86 52.16
N ARG A 129 12.88 -15.35 53.24
CA ARG A 129 11.53 -15.75 53.58
C ARG A 129 10.65 -14.59 53.97
N ARG A 130 11.25 -13.48 54.37
CA ARG A 130 10.46 -12.36 54.83
C ARG A 130 10.43 -11.19 53.85
N LEU A 131 9.23 -10.70 53.57
CA LEU A 131 9.09 -9.62 52.62
C LEU A 131 8.34 -8.45 53.21
N ALA A 132 8.77 -7.25 52.84
CA ALA A 132 8.14 -6.04 53.34
C ALA A 132 7.88 -5.11 52.16
N ILE A 133 6.77 -4.39 52.25
CA ILE A 133 6.29 -3.62 51.14
C ILE A 133 5.79 -2.29 51.66
N ILE A 134 6.51 -1.21 51.33
CA ILE A 134 6.12 0.13 51.71
C ILE A 134 5.41 0.82 50.55
N GLY A 135 4.29 1.48 50.89
CA GLY A 135 3.36 2.05 49.92
C GLY A 135 2.23 1.07 49.64
N SER A 136 1.01 1.57 49.39
CA SER A 136 -0.14 0.69 49.21
C SER A 136 -0.98 1.08 47.99
N GLY A 137 -0.35 1.70 46.99
CA GLY A 137 -1.06 2.04 45.78
C GLY A 137 -0.92 0.96 44.73
N LYS A 138 -1.27 1.27 43.49
CA LYS A 138 -1.23 0.27 42.42
C LYS A 138 0.15 -0.32 42.18
N VAL A 139 1.18 0.50 42.26
CA VAL A 139 2.54 0.02 42.02
C VAL A 139 2.91 -0.93 43.13
N ALA A 140 2.68 -0.55 44.38
CA ALA A 140 2.90 -1.50 45.47
C ALA A 140 2.13 -2.77 45.19
N GLN A 141 0.80 -2.63 45.04
CA GLN A 141 -0.09 -3.74 44.75
C GLN A 141 0.56 -4.68 43.74
N ALA A 142 0.82 -4.12 42.54
CA ALA A 142 1.37 -4.83 41.41
C ALA A 142 2.72 -5.46 41.78
N HIS A 143 3.49 -4.78 42.65
CA HIS A 143 4.76 -5.32 43.09
C HIS A 143 4.52 -6.66 43.77
N LEU A 144 3.55 -6.70 44.68
CA LEU A 144 3.22 -7.91 45.40
C LEU A 144 2.91 -9.04 44.43
N ARG A 145 2.12 -8.74 43.39
CA ARG A 145 1.64 -9.80 42.50
C ARG A 145 2.79 -10.42 41.72
N TYR A 146 3.82 -9.65 41.43
CA TYR A 146 4.90 -10.12 40.58
C TYR A 146 6.05 -10.71 41.40
N VAL A 147 6.05 -10.48 42.72
CA VAL A 147 7.09 -11.03 43.57
C VAL A 147 6.57 -12.18 44.44
N GLN A 148 5.24 -12.34 44.56
CA GLN A 148 4.68 -13.25 45.56
C GLN A 148 5.25 -14.66 45.37
N ASN A 149 5.27 -15.13 44.13
CA ASN A 149 5.65 -16.48 43.80
C ASN A 149 7.14 -16.63 43.47
N LEU A 150 8.04 -15.84 44.04
CA LEU A 150 9.41 -15.83 43.53
C LEU A 150 10.34 -16.49 44.53
N ARG A 151 9.82 -16.60 45.75
CA ARG A 151 10.50 -17.21 46.88
C ARG A 151 9.44 -17.80 47.81
N ASP A 152 9.85 -18.72 48.71
CA ASP A 152 8.96 -19.26 49.72
C ASP A 152 8.75 -18.24 50.83
N TRP A 153 7.85 -17.28 50.59
CA TRP A 153 7.64 -16.24 51.57
C TRP A 153 6.87 -16.88 52.72
N GLN A 154 7.36 -16.66 53.95
CA GLN A 154 6.67 -17.07 55.17
C GLN A 154 5.86 -15.92 55.78
N HIS A 155 6.08 -14.68 55.32
CA HIS A 155 5.38 -13.52 55.86
C HIS A 155 5.58 -12.32 54.92
N ILE A 156 4.47 -11.67 54.60
CA ILE A 156 4.50 -10.46 53.80
C ILE A 156 3.81 -9.36 54.61
N SER A 157 4.59 -8.34 55.02
CA SER A 157 4.03 -7.16 55.64
C SER A 157 4.07 -5.98 54.68
N LEU A 158 2.92 -5.29 54.49
CA LEU A 158 2.96 -3.96 53.91
C LEU A 158 2.40 -2.94 54.88
N PHE A 159 2.88 -1.71 54.75
CA PHE A 159 2.39 -0.64 55.59
C PHE A 159 2.30 0.65 54.80
N SER A 160 1.21 1.38 54.96
CA SER A 160 1.07 2.67 54.33
C SER A 160 0.37 3.56 55.33
N PRO A 161 0.83 4.80 55.44
CA PRO A 161 0.23 5.71 56.40
C PRO A 161 -1.29 5.67 56.39
N SER A 162 -1.88 5.69 55.21
CA SER A 162 -3.33 5.73 55.09
C SER A 162 -4.00 4.55 55.79
N LEU A 163 -3.34 3.38 55.79
CA LEU A 163 -4.00 2.12 56.13
C LEU A 163 -4.53 2.09 57.57
N ALA A 164 -3.86 2.75 58.51
CA ALA A 164 -4.37 2.83 59.87
C ALA A 164 -5.86 3.14 59.84
N SER A 165 -6.21 4.29 59.25
CA SER A 165 -7.61 4.70 59.14
C SER A 165 -8.18 4.26 57.80
N ALA A 166 -8.14 2.96 57.50
CA ALA A 166 -8.55 2.47 56.19
C ALA A 166 -9.90 1.76 56.27
N SER A 167 -10.64 1.80 55.15
CA SER A 167 -11.84 1.00 55.01
C SER A 167 -11.46 -0.46 55.14
N PRO A 168 -12.01 -1.21 56.11
CA PRO A 168 -11.74 -2.64 56.21
C PRO A 168 -12.04 -3.39 54.92
N ALA A 169 -12.92 -2.84 54.09
CA ALA A 169 -13.20 -3.46 52.81
C ALA A 169 -11.95 -3.41 51.93
N THR A 170 -11.40 -2.21 51.76
CA THR A 170 -10.20 -2.07 50.94
C THR A 170 -9.13 -2.99 51.47
N LEU A 171 -9.08 -3.14 52.78
CA LEU A 171 -8.11 -4.04 53.37
C LEU A 171 -8.35 -5.45 52.87
N ALA A 172 -9.61 -5.86 52.77
CA ALA A 172 -9.90 -7.19 52.25
C ALA A 172 -9.28 -7.35 50.86
N GLN A 173 -9.40 -6.32 50.03
CA GLN A 173 -8.83 -6.38 48.70
C GLN A 173 -7.35 -6.63 48.81
N LEU A 174 -6.71 -5.94 49.75
CA LEU A 174 -5.28 -6.11 49.92
C LEU A 174 -4.98 -7.47 50.50
N THR A 175 -5.63 -7.80 51.59
CA THR A 175 -5.42 -9.09 52.24
C THR A 175 -5.80 -10.24 51.31
N GLY A 176 -6.70 -9.98 50.36
CA GLY A 176 -7.09 -10.97 49.37
C GLY A 176 -6.18 -11.01 48.14
N LEU A 177 -4.96 -10.45 48.26
CA LEU A 177 -3.94 -10.60 47.22
C LEU A 177 -2.91 -11.65 47.62
N ASP A 178 -2.80 -11.95 48.92
CA ASP A 178 -1.97 -13.07 49.37
C ASP A 178 -2.34 -13.42 50.81
N PRO A 179 -2.61 -14.71 51.12
CA PRO A 179 -3.04 -15.12 52.48
C PRO A 179 -1.98 -14.97 53.57
N ARG A 180 -0.70 -14.87 53.15
CA ARG A 180 0.46 -14.75 54.02
C ARG A 180 0.69 -13.31 54.49
N LEU A 181 -0.07 -12.36 53.90
CA LEU A 181 0.13 -10.93 54.10
C LEU A 181 -0.68 -10.43 55.28
N SER A 182 -0.05 -9.54 56.06
CA SER A 182 -0.70 -8.89 57.19
C SER A 182 -0.39 -7.39 57.13
N ILE A 183 -1.38 -6.53 57.37
CA ILE A 183 -1.16 -5.09 57.35
C ILE A 183 -0.50 -4.58 58.63
N ALA A 184 0.50 -3.71 58.50
CA ALA A 184 1.24 -3.24 59.68
C ALA A 184 0.80 -1.87 60.18
N ASP A 185 1.43 -1.38 61.24
CA ASP A 185 1.01 -0.13 61.84
C ASP A 185 2.09 0.94 61.69
N SER A 186 3.31 0.50 61.38
CA SER A 186 4.44 1.41 61.28
C SER A 186 5.34 0.96 60.11
N CYS A 187 6.31 1.80 59.73
CA CYS A 187 7.29 1.38 58.74
C CYS A 187 8.29 0.49 59.45
N ALA A 188 8.61 0.86 60.68
CA ALA A 188 9.45 0.04 61.55
C ALA A 188 8.97 -1.42 61.57
N ALA A 189 7.67 -1.61 61.86
CA ALA A 189 7.14 -2.94 62.14
C ALA A 189 7.26 -3.82 60.91
N ALA A 190 6.90 -3.23 59.76
CA ALA A 190 6.81 -3.94 58.50
C ALA A 190 8.17 -4.54 58.14
N VAL A 191 9.27 -3.84 58.44
CA VAL A 191 10.55 -4.16 57.82
C VAL A 191 11.40 -4.87 58.87
N ALA A 192 10.72 -5.40 59.87
CA ALA A 192 11.42 -6.14 60.90
C ALA A 192 11.89 -7.50 60.39
N ASP A 193 13.17 -7.77 60.58
CA ASP A 193 13.71 -9.07 60.20
C ASP A 193 13.47 -9.36 58.73
N ALA A 194 13.20 -8.32 57.95
CA ALA A 194 12.93 -8.51 56.54
C ALA A 194 14.14 -8.83 55.70
N ASP A 195 13.97 -9.70 54.72
CA ASP A 195 15.04 -10.05 53.79
C ASP A 195 15.01 -9.20 52.51
N VAL A 196 13.80 -8.81 52.15
CA VAL A 196 13.56 -8.02 50.98
C VAL A 196 12.51 -7.03 51.43
N ILE A 197 12.73 -5.76 51.03
CA ILE A 197 11.93 -4.61 51.42
C ILE A 197 11.75 -3.76 50.15
N MET A 198 10.50 -3.66 49.70
CA MET A 198 10.22 -3.10 48.41
C MET A 198 9.50 -1.78 48.65
N LEU A 199 10.27 -0.66 48.57
CA LEU A 199 9.78 0.70 48.69
C LEU A 199 9.06 1.04 47.40
N CYS A 200 7.74 1.26 47.51
CA CYS A 200 6.87 1.50 46.37
C CYS A 200 6.09 2.79 46.57
N THR A 201 6.74 3.81 47.13
CA THR A 201 6.02 5.00 47.55
C THR A 201 6.13 6.12 46.52
N SER A 202 5.35 7.19 46.73
CA SER A 202 5.42 8.46 46.01
C SER A 202 6.23 9.48 46.78
N SER A 203 6.74 9.12 47.96
CA SER A 203 7.58 9.99 48.75
C SER A 203 8.59 10.72 47.87
N ALA A 204 8.86 11.99 48.24
CA ALA A 204 9.99 12.73 47.73
C ALA A 204 11.23 12.36 48.52
N GLY A 205 11.03 12.15 49.83
CA GLY A 205 12.13 11.99 50.76
C GLY A 205 12.17 10.61 51.41
N PRO A 206 13.25 10.32 52.18
CA PRO A 206 13.48 9.00 52.75
C PRO A 206 12.31 8.41 53.51
N VAL A 207 11.97 7.18 53.19
CA VAL A 207 10.93 6.49 53.93
C VAL A 207 11.58 5.40 54.77
N LEU A 208 12.91 5.36 54.84
CA LEU A 208 13.63 4.28 55.48
C LEU A 208 15.12 4.59 55.53
N ASP A 209 15.75 4.41 56.69
CA ASP A 209 17.19 4.41 56.80
C ASP A 209 17.70 2.96 56.88
N PRO A 210 18.48 2.50 55.87
CA PRO A 210 19.12 1.17 55.88
C PRO A 210 19.96 0.73 57.06
N ALA A 211 20.59 1.69 57.76
CA ALA A 211 21.45 1.34 58.87
C ALA A 211 20.62 1.24 60.15
N HIS A 212 19.30 1.33 60.00
CA HIS A 212 18.38 1.16 61.10
C HIS A 212 17.57 -0.12 60.90
N LEU A 213 18.17 -1.08 60.18
CA LEU A 213 17.55 -2.39 59.95
C LEU A 213 18.20 -3.39 60.89
N SER A 214 17.45 -4.43 61.24
CA SER A 214 17.99 -5.48 62.08
C SER A 214 19.08 -6.20 61.34
N LYS A 215 18.78 -6.63 60.12
CA LYS A 215 19.76 -7.37 59.34
C LYS A 215 19.85 -6.82 57.93
N PRO A 216 20.95 -7.13 57.23
CA PRO A 216 21.10 -6.68 55.84
C PRO A 216 19.98 -7.22 54.96
N ALA A 217 19.37 -6.35 54.17
CA ALA A 217 18.27 -6.74 53.32
C ALA A 217 18.47 -6.15 51.92
N LEU A 218 17.70 -6.68 50.98
CA LEU A 218 17.59 -6.14 49.66
C LEU A 218 16.50 -5.09 49.76
N ILE A 219 16.82 -3.90 49.19
CA ILE A 219 15.98 -2.71 49.27
C ILE A 219 15.80 -2.20 47.85
N THR A 220 14.53 -2.26 47.40
CA THR A 220 14.20 -1.81 46.07
C THR A 220 13.53 -0.45 46.19
N SER A 221 13.74 0.42 45.19
CA SER A 221 13.13 1.75 45.17
C SER A 221 12.68 2.11 43.77
N ILE A 222 11.49 2.67 43.63
CA ILE A 222 10.95 3.00 42.31
C ILE A 222 10.50 4.48 42.26
N SER A 223 10.55 5.22 43.37
CA SER A 223 10.02 6.61 43.39
C SER A 223 10.66 7.55 42.39
N THR A 224 9.86 8.31 41.66
CA THR A 224 10.42 9.13 40.60
C THR A 224 9.75 10.49 40.49
N ASN A 225 8.45 10.56 40.78
CA ASN A 225 7.62 11.70 40.42
C ASN A 225 7.81 12.88 41.38
N ALA A 226 9.05 13.34 41.48
CA ALA A 226 9.39 14.47 42.30
C ALA A 226 10.83 14.85 41.94
N PRO A 227 11.11 16.16 41.96
CA PRO A 227 12.48 16.55 41.68
C PRO A 227 13.46 15.81 42.57
N ARG A 228 14.34 15.05 41.97
CA ARG A 228 15.35 14.33 42.72
C ARG A 228 14.73 13.47 43.81
N ALA A 229 13.66 12.75 43.48
CA ALA A 229 12.98 11.94 44.47
C ALA A 229 13.81 10.78 44.94
N HIS A 230 13.75 10.49 46.23
CA HIS A 230 14.50 9.38 46.80
C HIS A 230 13.77 8.85 48.03
N GLU A 231 13.96 7.54 48.27
CA GLU A 231 13.21 6.77 49.25
C GLU A 231 14.13 6.36 50.38
N VAL A 232 15.44 6.52 50.20
CA VAL A 232 16.41 6.24 51.24
C VAL A 232 17.33 7.45 51.41
N PRO A 233 18.05 7.62 52.54
CA PRO A 233 19.04 8.69 52.68
C PRO A 233 20.14 8.60 51.63
N PRO A 234 20.41 9.66 50.86
CA PRO A 234 21.42 9.55 49.80
C PRO A 234 22.78 9.09 50.30
N HIS A 235 23.11 9.43 51.55
CA HIS A 235 24.42 9.08 52.09
C HIS A 235 24.55 7.57 52.36
N SER A 236 23.43 6.83 52.40
CA SER A 236 23.44 5.42 52.79
C SER A 236 23.98 4.53 51.66
N LEU A 237 23.97 5.07 50.44
CA LEU A 237 24.48 4.34 49.27
C LEU A 237 25.94 3.93 49.46
N ASN A 238 26.66 4.69 50.29
CA ASN A 238 28.08 4.48 50.52
C ASN A 238 28.30 3.28 51.45
N ALA A 239 27.23 2.86 52.14
CA ALA A 239 27.26 1.66 52.96
C ALA A 239 26.28 0.63 52.43
N MET A 240 25.96 0.66 51.13
CA MET A 240 25.21 -0.42 50.51
C MET A 240 25.95 -0.93 49.29
N GLN A 241 25.42 -2.01 48.70
CA GLN A 241 25.88 -2.63 47.47
C GLN A 241 24.85 -2.26 46.42
N VAL A 242 25.16 -1.25 45.58
CA VAL A 242 24.13 -0.59 44.81
C VAL A 242 23.98 -1.23 43.44
N PHE A 243 22.73 -1.56 43.07
CA PHE A 243 22.37 -1.97 41.72
C PHE A 243 21.34 -0.97 41.10
N CYS A 244 21.12 -1.04 39.78
CA CYS A 244 20.05 -0.28 39.15
C CYS A 244 19.54 -0.95 37.87
N ASP A 245 18.37 -0.54 37.40
CA ASP A 245 17.84 -1.05 36.14
C ASP A 245 18.92 -0.95 35.06
N TYR A 246 19.40 0.27 34.75
CA TYR A 246 20.37 0.45 33.67
C TYR A 246 21.46 1.45 34.07
N ARG A 247 22.71 1.00 33.93
CA ARG A 247 23.89 1.66 34.47
C ARG A 247 24.24 2.95 33.71
N GLN A 248 23.90 3.03 32.43
CA GLN A 248 24.37 4.11 31.57
C GLN A 248 23.57 5.40 31.82
N THR A 249 22.30 5.28 32.23
CA THR A 249 21.38 6.39 32.20
C THR A 249 20.86 6.72 33.57
N THR A 250 20.50 5.72 34.39
CA THR A 250 19.80 5.95 35.64
C THR A 250 20.66 6.66 36.69
N PRO A 251 21.96 6.33 36.87
CA PRO A 251 22.77 7.08 37.83
C PRO A 251 22.77 8.59 37.65
N ASP A 252 22.58 9.05 36.40
CA ASP A 252 22.61 10.48 36.05
C ASP A 252 21.28 11.15 36.37
N ALA A 253 20.20 10.37 36.54
CA ALA A 253 18.88 10.95 36.79
C ALA A 253 18.27 10.57 38.15
N ALA A 254 18.76 9.54 38.86
CA ALA A 254 18.17 9.11 40.13
C ALA A 254 18.55 10.04 41.29
N GLY A 255 17.53 10.62 41.92
CA GLY A 255 17.72 11.63 42.95
C GLY A 255 18.85 11.29 43.91
N GLU A 256 18.77 10.10 44.57
CA GLU A 256 19.63 9.78 45.68
C GLU A 256 21.06 9.64 45.19
N MET A 257 21.23 9.12 43.99
CA MET A 257 22.55 8.94 43.44
C MET A 257 23.17 10.31 43.12
N LEU A 258 22.33 11.20 42.57
CA LEU A 258 22.83 12.56 42.31
C LEU A 258 23.25 13.23 43.62
N ILE A 259 22.38 13.17 44.61
CA ILE A 259 22.65 13.85 45.87
C ILE A 259 23.91 13.27 46.54
N ALA A 260 24.05 11.94 46.48
CA ALA A 260 25.13 11.23 47.14
C ALA A 260 26.47 11.60 46.51
N SER A 261 26.52 11.60 45.17
CA SER A 261 27.74 11.96 44.46
C SER A 261 28.08 13.45 44.66
N GLU A 262 27.08 14.32 44.74
CA GLU A 262 27.35 15.74 44.97
C GLU A 262 27.76 16.01 46.42
N GLN A 263 27.31 15.21 47.39
CA GLN A 263 27.44 15.65 48.77
C GLN A 263 28.16 14.64 49.65
N HIS A 264 28.10 13.37 49.27
CA HIS A 264 28.49 12.31 50.19
C HIS A 264 29.69 11.55 49.63
N GLY A 265 30.20 11.94 48.47
CA GLY A 265 31.47 11.39 48.01
C GLY A 265 31.25 10.09 47.27
N TRP A 266 29.97 9.83 46.98
CA TRP A 266 29.59 8.63 46.26
C TRP A 266 29.94 8.76 44.78
N ASP A 267 30.25 7.65 44.12
CA ASP A 267 30.59 7.66 42.70
C ASP A 267 29.84 6.57 41.95
N LYS A 268 29.23 6.93 40.84
CA LYS A 268 28.47 5.95 40.07
C LYS A 268 29.25 4.69 39.77
N ARG A 269 30.56 4.83 39.62
CA ARG A 269 31.39 3.68 39.35
C ARG A 269 31.21 2.60 40.41
N ALA A 270 30.53 2.96 41.50
CA ALA A 270 30.27 1.99 42.56
C ALA A 270 29.11 1.06 42.22
N VAL A 271 28.25 1.42 41.25
CA VAL A 271 27.15 0.54 40.91
C VAL A 271 27.71 -0.82 40.46
N MET A 272 27.27 -1.87 41.17
CA MET A 272 27.91 -3.17 41.07
C MET A 272 27.31 -3.98 39.92
N GLY A 273 26.15 -3.54 39.42
CA GLY A 273 25.48 -4.28 38.35
C GLY A 273 24.11 -3.68 38.01
N ASP A 274 23.60 -4.04 36.83
CA ASP A 274 22.34 -3.50 36.34
C ASP A 274 21.62 -4.70 35.77
N LEU A 275 20.39 -4.55 35.28
CA LEU A 275 19.60 -5.74 34.99
C LEU A 275 20.23 -6.50 33.83
N PRO A 276 20.61 -5.83 32.73
CA PRO A 276 21.24 -6.53 31.64
C PRO A 276 22.43 -7.37 32.06
N GLU A 277 23.24 -6.88 33.00
CA GLU A 277 24.43 -7.60 33.41
C GLU A 277 24.05 -8.81 34.28
N LEU A 278 23.15 -8.60 35.25
CA LEU A 278 22.69 -9.66 36.12
C LEU A 278 22.09 -10.79 35.30
N LEU A 279 21.25 -10.46 34.31
CA LEU A 279 20.51 -11.48 33.60
C LEU A 279 21.32 -11.97 32.42
N SER A 280 22.62 -11.66 32.39
CA SER A 280 23.48 -12.34 31.44
C SER A 280 24.76 -12.82 32.14
N ASP A 281 24.72 -12.90 33.47
CA ASP A 281 25.76 -13.57 34.24
C ASP A 281 27.07 -12.81 34.15
N MET A 282 27.03 -11.49 33.92
CA MET A 282 28.24 -10.70 33.81
C MET A 282 28.26 -9.62 34.89
N ALA A 283 27.51 -9.82 35.97
CA ALA A 283 27.44 -8.89 37.10
C ALA A 283 27.76 -9.63 38.40
N GLN A 284 28.24 -8.89 39.40
CA GLN A 284 28.60 -9.50 40.67
C GLN A 284 27.42 -9.73 41.64
N ARG A 285 26.99 -10.98 41.82
CA ARG A 285 25.95 -11.25 42.80
C ARG A 285 26.51 -10.82 44.14
N PRO A 286 25.70 -10.13 44.94
CA PRO A 286 26.27 -9.58 46.17
C PRO A 286 26.21 -10.43 47.41
N ASP A 287 27.15 -10.25 48.33
CA ASP A 287 27.03 -10.92 49.61
C ASP A 287 26.03 -10.08 50.34
N TYR A 288 25.73 -10.41 51.58
CA TYR A 288 24.84 -9.52 52.33
C TYR A 288 25.57 -8.97 53.54
N GLN A 289 26.88 -8.79 53.41
CA GLN A 289 27.68 -8.20 54.49
C GLN A 289 27.23 -6.78 54.65
N ARG A 290 26.46 -6.31 53.68
CA ARG A 290 25.94 -4.97 53.78
C ARG A 290 24.61 -4.99 53.07
N PRO A 291 23.76 -4.03 53.37
CA PRO A 291 22.51 -3.99 52.62
C PRO A 291 22.77 -3.94 51.12
N VAL A 292 21.77 -4.24 50.31
CA VAL A 292 21.90 -4.28 48.87
C VAL A 292 20.71 -3.50 48.39
N PHE A 293 21.00 -2.47 47.53
CA PHE A 293 20.02 -1.48 47.08
C PHE A 293 19.84 -1.69 45.60
N PHE A 294 18.59 -1.75 45.18
CA PHE A 294 18.29 -1.68 43.76
C PHE A 294 17.38 -0.47 43.41
N ARG A 295 17.82 0.35 42.43
CA ARG A 295 17.09 1.56 42.03
C ARG A 295 16.47 1.43 40.64
N SER A 296 15.16 1.67 40.55
CA SER A 296 14.52 1.82 39.28
C SER A 296 13.91 3.25 39.10
N ILE A 297 13.99 3.78 37.88
CA ILE A 297 13.27 5.00 37.57
C ILE A 297 12.41 4.80 36.31
N GLY A 298 12.30 3.55 35.83
CA GLY A 298 11.73 3.34 34.51
C GLY A 298 12.74 3.49 33.38
N LEU A 299 12.44 2.81 32.27
CA LEU A 299 13.28 2.73 31.09
C LEU A 299 12.39 2.43 29.91
N GLY A 300 12.54 3.21 28.83
CA GLY A 300 11.61 3.15 27.72
C GLY A 300 11.62 1.81 26.99
N LEU A 301 12.76 1.15 26.83
CA LEU A 301 12.64 -0.27 26.45
C LEU A 301 11.49 -0.99 27.17
N GLU A 302 11.40 -0.88 28.51
CA GLU A 302 10.33 -1.57 29.25
C GLU A 302 8.99 -1.18 28.57
N ASP A 303 8.84 0.15 28.26
CA ASP A 303 7.64 0.72 27.63
C ASP A 303 7.49 0.39 26.15
N ILE A 304 8.60 0.32 25.40
CA ILE A 304 8.46 -0.03 23.99
C ILE A 304 8.26 -1.55 23.86
N ALA A 305 8.76 -2.37 24.81
CA ALA A 305 8.48 -3.81 24.74
C ALA A 305 7.00 -4.11 24.99
N LEU A 306 6.42 -3.45 25.99
CA LEU A 306 5.04 -3.76 26.27
C LEU A 306 4.14 -3.39 25.10
N ALA A 307 4.35 -2.20 24.55
CA ALA A 307 3.49 -1.68 23.50
C ALA A 307 3.67 -2.51 22.22
N ASN A 308 4.90 -2.93 21.96
CA ASN A 308 5.12 -3.91 20.90
C ASN A 308 4.29 -5.16 21.16
N ALA A 309 4.30 -5.71 22.39
CA ALA A 309 3.53 -6.92 22.68
C ALA A 309 2.06 -6.73 22.27
N LEU A 310 1.44 -5.60 22.70
CA LEU A 310 0.02 -5.40 22.45
C LEU A 310 -0.21 -5.37 20.94
N TYR A 311 0.80 -4.88 20.19
CA TYR A 311 0.62 -4.63 18.77
C TYR A 311 0.56 -5.97 18.05
N GLN A 312 1.43 -6.90 18.45
CA GLN A 312 1.42 -8.23 17.87
C GLN A 312 0.04 -8.89 18.05
N LEU A 313 -0.52 -8.78 19.27
CA LEU A 313 -1.87 -9.28 19.54
C LEU A 313 -2.92 -8.54 18.73
N GLN A 314 -2.88 -7.20 18.80
CA GLN A 314 -3.73 -6.36 17.96
C GLN A 314 -3.78 -7.01 16.57
N ARG A 315 -2.62 -7.42 16.04
CA ARG A 315 -2.52 -7.86 14.65
C ARG A 315 -3.27 -9.19 14.46
N THR B 4 -11.20 11.77 19.79
CA THR B 4 -9.72 11.85 19.71
C THR B 4 -9.12 10.46 19.88
N PRO B 5 -7.81 10.27 19.62
CA PRO B 5 -7.00 11.19 18.83
C PRO B 5 -7.10 10.92 17.33
N HIS B 6 -7.47 11.95 16.56
CA HIS B 6 -7.60 11.84 15.13
C HIS B 6 -6.24 11.54 14.51
N VAL B 7 -6.23 10.61 13.55
CA VAL B 7 -5.05 10.24 12.79
C VAL B 7 -5.12 10.89 11.40
N ILE B 8 -4.16 11.76 11.03
CA ILE B 8 -4.17 12.36 9.69
C ILE B 8 -3.09 11.70 8.83
N GLN B 9 -3.48 11.19 7.66
CA GLN B 9 -2.49 10.65 6.76
C GLN B 9 -2.14 11.71 5.72
N GLN B 10 -1.29 11.38 4.77
CA GLN B 10 -0.81 12.37 3.79
C GLN B 10 -1.85 13.27 3.15
N ALA B 11 -2.81 12.70 2.43
CA ALA B 11 -3.76 13.50 1.69
C ALA B 11 -4.41 14.59 2.52
N GLN B 12 -4.90 14.23 3.69
CA GLN B 12 -5.59 15.21 4.51
C GLN B 12 -4.60 16.25 4.98
N ALA B 13 -3.38 15.81 5.26
CA ALA B 13 -2.34 16.74 5.69
C ALA B 13 -2.05 17.81 4.64
N ARG B 14 -1.85 17.41 3.40
CA ARG B 14 -1.51 18.36 2.35
C ARG B 14 -2.62 19.37 2.14
N GLU B 15 -3.85 18.92 2.25
CA GLU B 15 -4.98 19.81 2.05
C GLU B 15 -5.11 20.78 3.20
N LEU B 16 -4.96 20.27 4.41
CA LEU B 16 -5.02 21.13 5.58
C LEU B 16 -3.82 22.05 5.52
N LEU B 17 -2.68 21.49 5.13
CA LEU B 17 -1.49 22.32 4.96
C LEU B 17 -1.84 23.48 4.03
N ALA B 18 -2.59 23.23 2.94
CA ALA B 18 -2.83 24.25 1.92
C ALA B 18 -3.66 25.39 2.49
N GLN B 19 -4.36 25.16 3.61
CA GLN B 19 -5.28 26.14 4.15
C GLN B 19 -4.69 26.89 5.35
N ILE B 20 -3.37 26.98 5.50
CA ILE B 20 -2.80 27.57 6.70
C ILE B 20 -1.62 28.44 6.30
N ASP B 21 -1.45 29.52 7.06
CA ASP B 21 -0.42 30.50 6.71
C ASP B 21 0.84 30.08 7.47
N VAL B 22 1.71 29.36 6.77
CA VAL B 22 2.85 28.77 7.46
C VAL B 22 3.73 29.92 7.98
N PRO B 23 4.09 30.87 7.09
CA PRO B 23 4.91 31.99 7.52
C PRO B 23 4.41 32.69 8.80
N GLN B 24 3.14 33.03 8.86
CA GLN B 24 2.62 33.73 10.02
C GLN B 24 2.75 32.87 11.26
N ILE B 25 2.22 31.65 11.20
CA ILE B 25 2.33 30.75 12.32
C ILE B 25 3.75 30.71 12.81
N LEU B 26 4.68 30.60 11.87
CA LEU B 26 6.09 30.48 12.25
C LEU B 26 6.66 31.76 12.84
N HIS B 27 6.29 32.90 12.28
CA HIS B 27 6.78 34.18 12.76
C HIS B 27 6.37 34.33 14.21
N LYS B 28 5.06 34.28 14.46
CA LYS B 28 4.57 34.32 15.84
C LYS B 28 5.26 33.27 16.72
N LEU B 29 5.49 32.06 16.18
CA LEU B 29 6.07 31.02 16.98
C LEU B 29 7.36 31.50 17.60
N PHE B 30 8.23 32.08 16.76
CA PHE B 30 9.58 32.43 17.19
C PHE B 30 9.51 33.62 18.13
N ARG B 31 8.42 34.39 18.02
CA ARG B 31 8.26 35.54 18.87
C ARG B 31 7.90 34.99 20.22
N ASP B 32 6.83 34.20 20.27
CA ASP B 32 6.57 33.22 21.35
C ASP B 32 7.85 32.55 21.88
N LEU B 33 8.71 32.03 21.02
CA LEU B 33 9.94 31.46 21.55
C LEU B 33 10.70 32.46 22.42
N ALA B 34 10.88 33.65 21.87
CA ALA B 34 11.75 34.69 22.40
C ALA B 34 11.23 35.22 23.73
N ALA B 35 9.89 35.25 23.85
CA ALA B 35 9.21 35.66 25.07
C ALA B 35 9.31 34.60 26.16
N GLY B 36 9.54 33.33 25.82
CA GLY B 36 9.57 32.27 26.81
C GLY B 36 8.25 31.53 26.86
N LEU B 37 7.30 31.96 26.05
CA LEU B 37 6.00 31.31 25.99
C LEU B 37 6.06 30.00 25.22
N ALA B 38 7.25 29.64 24.76
CA ALA B 38 7.41 28.40 24.03
C ALA B 38 8.78 27.83 24.30
N VAL B 39 8.85 26.52 24.42
CA VAL B 39 10.11 25.88 24.74
C VAL B 39 10.59 25.04 23.55
N GLN B 40 11.91 25.06 23.33
CA GLN B 40 12.52 24.32 22.24
C GLN B 40 13.70 23.56 22.83
N PRO B 41 13.50 22.27 23.20
CA PRO B 41 14.59 21.42 23.66
C PRO B 41 15.42 21.08 22.44
N ALA B 42 16.67 20.68 22.67
CA ALA B 42 17.50 20.08 21.65
C ALA B 42 16.86 18.83 21.04
N GLN B 43 17.35 18.46 19.86
CA GLN B 43 16.90 17.32 19.10
C GLN B 43 17.69 16.11 19.59
N GLN B 44 17.09 14.93 19.53
CA GLN B 44 17.77 13.72 19.95
C GLN B 44 17.92 12.76 18.80
N LEU B 45 19.14 12.25 18.62
CA LEU B 45 19.39 11.30 17.58
C LEU B 45 19.80 9.97 18.14
N VAL B 46 19.09 8.92 17.76
CA VAL B 46 19.42 7.58 18.25
C VAL B 46 19.73 6.63 17.11
N ALA B 47 20.93 6.08 17.11
CA ALA B 47 21.34 5.14 16.07
C ALA B 47 20.73 3.76 16.30
N PHE B 48 20.18 3.21 15.20
CA PHE B 48 19.84 1.80 15.09
C PHE B 48 21.12 0.99 15.14
N PRO B 49 21.05 -0.26 15.66
CA PRO B 49 22.16 -1.21 15.58
C PRO B 49 22.36 -1.81 14.19
N LYS B 50 23.63 -2.13 13.89
CA LYS B 50 24.07 -2.83 12.69
C LYS B 50 23.88 -1.98 11.44
N GLY B 51 24.16 -0.66 11.56
CA GLY B 51 24.19 0.27 10.44
C GLY B 51 22.84 0.43 9.75
N ALA B 52 21.77 -0.05 10.39
CA ALA B 52 20.44 -0.06 9.77
C ALA B 52 19.84 1.34 9.66
N GLY B 53 20.40 2.32 10.37
CA GLY B 53 19.90 3.68 10.29
C GLY B 53 19.82 4.38 11.64
N ASP B 54 18.90 5.35 11.72
CA ASP B 54 18.73 6.13 12.94
C ASP B 54 17.36 6.80 12.94
N PHE B 55 17.08 7.50 14.02
CA PHE B 55 15.90 8.34 14.04
C PHE B 55 16.23 9.58 14.84
N ILE B 56 15.60 10.66 14.44
CA ILE B 56 15.68 11.87 15.22
C ILE B 56 14.29 12.17 15.70
N ASN B 57 14.24 12.54 16.99
CA ASN B 57 13.02 13.14 17.54
C ASN B 57 13.16 14.66 17.72
N TYR B 58 12.05 15.34 17.52
CA TYR B 58 12.03 16.79 17.68
C TYR B 58 10.93 17.15 18.65
N LEU B 59 11.23 17.97 19.66
CA LEU B 59 10.22 18.45 20.57
C LEU B 59 9.89 19.93 20.31
N GLY B 60 8.65 20.33 20.69
CA GLY B 60 8.31 21.69 21.10
C GLY B 60 7.22 21.76 22.19
N VAL B 61 7.26 22.81 23.01
CA VAL B 61 6.16 23.16 23.89
C VAL B 61 5.58 24.50 23.43
N LEU B 62 4.28 24.47 23.07
CA LEU B 62 3.49 25.64 22.75
C LEU B 62 2.49 25.91 23.88
N ALA B 63 3.02 26.35 25.02
CA ALA B 63 2.19 26.76 26.14
C ALA B 63 1.05 27.65 25.70
N GLU B 64 1.36 28.68 24.85
CA GLU B 64 0.37 29.65 24.41
C GLU B 64 -0.78 28.97 23.68
N ASP B 65 -0.53 27.80 23.07
CA ASP B 65 -1.56 27.09 22.34
C ASP B 65 -2.06 25.90 23.14
N GLY B 66 -1.42 25.64 24.27
CA GLY B 66 -1.94 24.67 25.24
C GLY B 66 -1.65 23.22 24.84
N VAL B 67 -0.56 23.03 24.10
CA VAL B 67 -0.19 21.75 23.55
C VAL B 67 1.33 21.65 23.54
N TYR B 68 1.80 20.41 23.41
CA TYR B 68 3.22 20.11 23.24
C TYR B 68 3.26 18.95 22.27
N GLY B 69 4.44 18.54 21.83
CA GLY B 69 4.46 17.39 20.95
C GLY B 69 5.83 16.83 20.65
N VAL B 70 5.82 15.76 19.85
CA VAL B 70 7.05 15.15 19.42
C VAL B 70 6.83 14.81 17.96
N LYS B 71 7.91 15.02 17.17
CA LYS B 71 7.94 14.55 15.80
C LYS B 71 9.07 13.53 15.72
N THR B 72 8.75 12.35 15.21
CA THR B 72 9.78 11.34 15.14
C THR B 72 10.12 11.22 13.68
N SER B 73 11.41 11.21 13.36
CA SER B 73 11.79 11.04 11.98
C SER B 73 12.88 9.99 11.79
N PRO B 74 12.51 8.80 11.28
CA PRO B 74 13.49 7.76 10.99
C PRO B 74 14.08 7.75 9.57
N TYR B 75 15.39 7.46 9.53
CA TYR B 75 16.16 7.15 8.33
C TYR B 75 16.45 5.66 8.28
N ILE B 76 15.76 4.94 7.41
CA ILE B 76 15.97 3.50 7.26
C ILE B 76 16.81 3.20 6.03
N VAL B 77 17.92 2.51 6.22
CA VAL B 77 18.80 2.18 5.11
C VAL B 77 18.39 0.91 4.42
N GLY B 78 17.80 1.04 3.24
CA GLY B 78 17.46 -0.13 2.45
C GLY B 78 18.45 -0.18 1.30
N GLU B 79 18.94 -1.35 0.96
CA GLU B 79 19.96 -1.46 -0.07
C GLU B 79 19.56 -0.68 -1.31
N GLN B 80 18.35 -0.90 -1.79
CA GLN B 80 17.90 -0.21 -2.98
C GLN B 80 17.81 1.29 -2.74
N GLY B 81 17.39 1.69 -1.54
CA GLY B 81 17.25 3.11 -1.23
C GLY B 81 17.00 3.45 0.22
N PRO B 82 17.22 4.72 0.59
CA PRO B 82 17.01 5.14 1.98
C PRO B 82 15.62 5.68 2.20
N LEU B 83 14.98 5.22 3.27
CA LEU B 83 13.62 5.65 3.54
C LEU B 83 13.64 6.61 4.72
N VAL B 84 13.00 7.77 4.53
CA VAL B 84 12.91 8.76 5.57
C VAL B 84 11.46 9.21 5.67
N THR B 85 10.96 9.36 6.89
CA THR B 85 9.55 9.60 7.14
C THR B 85 9.45 10.65 8.23
N ALA B 86 8.23 11.12 8.48
CA ALA B 86 8.05 12.03 9.58
C ALA B 86 6.61 12.02 10.05
N TRP B 87 6.48 11.73 11.36
CA TRP B 87 5.21 11.61 12.05
C TRP B 87 5.25 12.39 13.36
N THR B 88 4.18 13.16 13.61
CA THR B 88 4.13 14.07 14.73
C THR B 88 2.94 13.76 15.65
N LEU B 89 3.21 13.81 16.94
CA LEU B 89 2.21 13.42 17.92
C LEU B 89 1.98 14.65 18.77
N LEU B 90 0.71 15.03 18.88
CA LEU B 90 0.46 16.29 19.54
C LEU B 90 -0.36 16.02 20.76
N MET B 91 0.17 16.43 21.91
CA MET B 91 -0.39 16.17 23.23
C MET B 91 -0.92 17.49 23.81
N SER B 92 -2.03 17.38 24.56
CA SER B 92 -2.62 18.51 25.28
C SER B 92 -1.84 18.76 26.56
N MET B 93 -1.70 20.03 26.92
CA MET B 93 -0.97 20.38 28.13
C MET B 93 -1.95 20.58 29.25
N HIS B 94 -3.22 20.31 28.99
CA HIS B 94 -4.23 20.43 30.02
C HIS B 94 -4.66 19.05 30.54
N ASN B 95 -5.09 18.17 29.65
CA ASN B 95 -5.54 16.86 30.07
C ASN B 95 -4.46 15.81 29.85
N GLY B 96 -3.39 16.19 29.19
CA GLY B 96 -2.30 15.26 28.94
C GLY B 96 -2.71 14.07 28.08
N GLN B 97 -3.72 14.28 27.22
CA GLN B 97 -4.22 13.28 26.29
C GLN B 97 -3.73 13.60 24.89
N PRO B 98 -3.58 12.59 23.99
CA PRO B 98 -3.19 12.85 22.60
C PRO B 98 -4.31 13.52 21.81
N LEU B 99 -3.96 14.55 21.05
CA LEU B 99 -4.92 15.35 20.30
C LEU B 99 -4.93 14.99 18.82
N LEU B 100 -3.76 14.64 18.29
CA LEU B 100 -3.60 14.35 16.89
C LEU B 100 -2.30 13.60 16.66
N LEU B 101 -2.35 12.62 15.74
CA LEU B 101 -1.17 11.98 15.19
C LEU B 101 -1.18 12.13 13.68
N CYS B 102 -0.08 12.61 13.10
CA CYS B 102 -0.14 13.27 11.81
C CYS B 102 1.10 12.99 10.94
N ASP B 103 0.92 12.40 9.77
CA ASP B 103 2.04 12.29 8.86
C ASP B 103 2.51 13.70 8.48
N ALA B 104 3.80 13.94 8.61
CA ALA B 104 4.34 15.28 8.48
C ALA B 104 5.49 15.30 7.48
N HIS B 105 5.44 14.41 6.49
CA HIS B 105 6.42 14.44 5.41
C HIS B 105 6.42 15.83 4.75
N GLU B 106 5.23 16.40 4.48
CA GLU B 106 5.11 17.61 3.67
C GLU B 106 5.13 18.84 4.59
N LEU B 107 4.50 18.73 5.77
CA LEU B 107 4.59 19.76 6.80
C LEU B 107 6.05 20.09 7.06
N THR B 108 6.91 19.09 7.02
CA THR B 108 8.33 19.31 7.20
C THR B 108 8.86 20.18 6.06
N THR B 109 8.41 19.91 4.84
CA THR B 109 8.90 20.62 3.67
C THR B 109 8.52 22.10 3.76
N ALA B 110 7.24 22.35 3.93
CA ALA B 110 6.71 23.67 4.20
C ALA B 110 7.58 24.37 5.24
N ARG B 111 7.62 23.86 6.45
CA ARG B 111 8.20 24.59 7.55
C ARG B 111 9.68 24.83 7.30
N THR B 112 10.30 24.00 6.47
CA THR B 112 11.74 24.15 6.28
C THR B 112 11.96 25.35 5.37
N ALA B 113 11.07 25.49 4.38
CA ALA B 113 11.16 26.56 3.40
C ALA B 113 10.81 27.89 4.08
N ALA B 114 9.62 27.96 4.69
CA ALA B 114 9.13 29.13 5.39
C ALA B 114 10.10 29.66 6.44
N THR B 115 10.93 28.81 6.97
CA THR B 115 11.79 29.22 8.06
C THR B 115 12.95 30.02 7.47
N THR B 116 13.52 29.49 6.40
CA THR B 116 14.64 30.12 5.75
C THR B 116 14.14 31.43 5.12
N ALA B 117 12.90 31.39 4.64
CA ALA B 117 12.21 32.57 4.16
C ALA B 117 12.29 33.69 5.21
N LEU B 118 11.97 33.40 6.47
CA LEU B 118 11.97 34.43 7.51
C LEU B 118 13.41 34.91 7.69
N ALA B 119 14.40 34.07 7.46
CA ALA B 119 15.77 34.55 7.59
C ALA B 119 16.11 35.54 6.47
N VAL B 120 15.51 35.32 5.30
CA VAL B 120 15.85 36.07 4.11
C VAL B 120 15.16 37.46 4.21
N ASP B 121 13.92 37.46 4.68
CA ASP B 121 13.17 38.66 4.95
C ASP B 121 13.80 39.49 6.08
N ALA B 122 14.68 38.89 6.89
CA ALA B 122 15.17 39.54 8.08
C ALA B 122 16.64 39.96 7.89
N LEU B 123 17.33 39.32 6.95
CA LEU B 123 18.78 39.34 6.94
C LEU B 123 19.28 39.88 5.60
N ALA B 124 18.50 39.70 4.52
CA ALA B 124 18.97 40.12 3.21
C ALA B 124 18.66 41.60 3.00
N PRO B 125 19.47 42.33 2.21
CA PRO B 125 19.19 43.73 1.91
C PRO B 125 17.74 43.90 1.50
N LEU B 126 17.17 45.06 1.85
CA LEU B 126 15.81 45.46 1.44
C LEU B 126 15.73 45.63 -0.08
N ALA B 127 16.86 46.07 -0.66
CA ALA B 127 16.90 46.30 -2.09
C ALA B 127 17.91 45.38 -2.77
N ALA B 128 17.83 44.09 -2.44
CA ALA B 128 18.62 43.10 -3.12
C ALA B 128 17.69 42.67 -4.22
N ARG B 129 18.24 42.22 -5.34
CA ARG B 129 17.37 41.90 -6.47
C ARG B 129 17.80 40.64 -7.17
N ARG B 130 18.89 40.04 -6.71
CA ARG B 130 19.38 38.81 -7.32
C ARG B 130 19.26 37.61 -6.39
N LEU B 131 18.74 36.50 -6.89
CA LEU B 131 18.48 35.31 -6.07
C LEU B 131 18.95 34.03 -6.76
N ALA B 132 19.70 33.22 -5.98
CA ALA B 132 20.28 31.97 -6.44
C ALA B 132 19.78 30.81 -5.59
N ILE B 133 19.49 29.69 -6.23
CA ILE B 133 18.95 28.54 -5.54
C ILE B 133 19.70 27.29 -5.97
N ILE B 134 20.36 26.61 -5.01
CA ILE B 134 21.09 25.37 -5.28
C ILE B 134 20.34 24.19 -4.67
N GLY B 135 20.16 23.16 -5.50
CA GLY B 135 19.21 22.11 -5.24
C GLY B 135 17.94 22.37 -6.04
N SER B 136 17.27 21.28 -6.43
CA SER B 136 16.08 21.40 -7.25
C SER B 136 15.00 20.39 -6.81
N GLY B 137 15.14 19.91 -5.57
CA GLY B 137 14.16 19.02 -4.97
C GLY B 137 12.95 19.80 -4.46
N LYS B 138 12.07 19.15 -3.71
CA LYS B 138 10.84 19.79 -3.30
C LYS B 138 11.16 20.88 -2.30
N VAL B 139 12.29 20.74 -1.60
CA VAL B 139 12.63 21.66 -0.53
C VAL B 139 13.09 22.98 -1.13
N ALA B 140 13.94 22.90 -2.16
CA ALA B 140 14.36 24.08 -2.92
C ALA B 140 13.14 24.70 -3.58
N GLN B 141 12.31 23.86 -4.20
CA GLN B 141 11.11 24.32 -4.86
C GLN B 141 10.23 25.11 -3.89
N ALA B 142 10.09 24.62 -2.67
CA ALA B 142 9.27 25.30 -1.68
C ALA B 142 9.92 26.60 -1.26
N HIS B 143 11.23 26.59 -1.10
CA HIS B 143 11.94 27.78 -0.74
C HIS B 143 11.62 28.85 -1.75
N LEU B 144 11.67 28.49 -3.02
CA LEU B 144 11.36 29.44 -4.06
C LEU B 144 9.97 30.05 -3.90
N ARG B 145 8.99 29.25 -3.51
CA ARG B 145 7.63 29.78 -3.46
C ARG B 145 7.42 30.63 -2.21
N TYR B 146 8.33 30.55 -1.24
CA TYR B 146 8.20 31.28 0.02
C TYR B 146 9.15 32.48 0.09
N VAL B 147 10.04 32.61 -0.90
CA VAL B 147 11.00 33.70 -0.91
C VAL B 147 10.77 34.56 -2.16
N GLN B 148 9.74 34.29 -2.96
CA GLN B 148 9.70 34.85 -4.30
C GLN B 148 9.07 36.25 -4.25
N ASN B 149 8.15 36.46 -3.30
CA ASN B 149 7.45 37.71 -3.16
C ASN B 149 8.02 38.56 -2.02
N LEU B 150 9.31 38.38 -1.70
CA LEU B 150 9.85 38.93 -0.46
C LEU B 150 10.71 40.15 -0.79
N ARG B 151 11.18 40.19 -2.04
CA ARG B 151 11.90 41.32 -2.62
C ARG B 151 11.50 41.47 -4.08
N ASP B 152 11.86 42.60 -4.72
CA ASP B 152 11.73 42.73 -6.17
C ASP B 152 12.85 41.94 -6.83
N TRP B 153 12.67 40.62 -6.96
CA TRP B 153 13.67 39.82 -7.64
C TRP B 153 13.70 40.29 -9.11
N GLN B 154 14.91 40.48 -9.65
CA GLN B 154 15.05 40.82 -11.06
C GLN B 154 15.52 39.58 -11.83
N HIS B 155 16.14 38.63 -11.14
CA HIS B 155 16.55 37.37 -11.74
C HIS B 155 16.65 36.28 -10.66
N ILE B 156 16.09 35.10 -10.96
CA ILE B 156 16.28 33.94 -10.09
C ILE B 156 16.93 32.84 -10.91
N SER B 157 18.04 32.31 -10.41
CA SER B 157 18.73 31.19 -11.04
C SER B 157 18.78 29.99 -10.10
N LEU B 158 18.30 28.81 -10.55
CA LEU B 158 18.64 27.61 -9.81
C LEU B 158 19.46 26.65 -10.67
N PHE B 159 20.36 25.95 -9.97
CA PHE B 159 21.23 24.94 -10.55
C PHE B 159 21.15 23.68 -9.69
N SER B 160 21.21 22.55 -10.38
CA SER B 160 21.41 21.25 -9.77
C SER B 160 22.01 20.36 -10.85
N PRO B 161 22.89 19.39 -10.48
CA PRO B 161 23.60 18.59 -11.48
C PRO B 161 22.70 17.82 -12.43
N SER B 162 21.51 17.39 -11.99
CA SER B 162 20.61 16.61 -12.83
C SER B 162 20.10 17.41 -14.03
N LEU B 163 19.94 18.73 -13.87
CA LEU B 163 19.13 19.55 -14.76
C LEU B 163 19.70 19.63 -16.17
N ALA B 164 21.02 19.44 -16.34
CA ALA B 164 21.63 19.43 -17.67
C ALA B 164 20.85 18.51 -18.61
N SER B 165 20.58 17.29 -18.16
CA SER B 165 19.93 16.29 -18.97
C SER B 165 18.63 15.82 -18.34
N ALA B 166 17.57 16.61 -18.48
CA ALA B 166 16.32 16.30 -17.82
C ALA B 166 15.15 16.40 -18.79
N SER B 167 13.99 15.92 -18.32
CA SER B 167 12.76 15.99 -19.07
C SER B 167 12.55 17.43 -19.49
N PRO B 168 12.40 17.74 -20.80
CA PRO B 168 12.05 19.10 -21.20
C PRO B 168 10.98 19.63 -20.26
N ALA B 169 9.85 18.90 -20.16
CA ALA B 169 8.70 19.34 -19.37
C ALA B 169 9.06 19.54 -17.89
N THR B 170 9.87 18.66 -17.29
CA THR B 170 10.28 18.83 -15.91
C THR B 170 10.76 20.26 -15.70
N LEU B 171 11.60 20.75 -16.65
CA LEU B 171 12.12 22.10 -16.61
C LEU B 171 10.96 23.08 -16.51
N ALA B 172 9.89 22.83 -17.28
CA ALA B 172 8.75 23.74 -17.35
C ALA B 172 7.97 23.75 -16.03
N GLN B 173 7.90 22.61 -15.34
CA GLN B 173 7.28 22.55 -14.03
C GLN B 173 7.91 23.59 -13.12
N LEU B 174 9.25 23.64 -13.18
CA LEU B 174 10.07 24.52 -12.36
C LEU B 174 9.99 25.95 -12.88
N THR B 175 10.31 26.11 -14.15
CA THR B 175 10.18 27.36 -14.87
C THR B 175 8.86 28.04 -14.56
N GLY B 176 7.79 27.24 -14.47
CA GLY B 176 6.45 27.74 -14.25
C GLY B 176 6.18 28.17 -12.81
N LEU B 177 7.18 28.07 -11.93
CA LEU B 177 7.05 28.58 -10.58
C LEU B 177 7.35 30.08 -10.54
N ASP B 178 8.25 30.57 -11.42
CA ASP B 178 8.49 32.01 -11.46
C ASP B 178 8.90 32.46 -12.88
N PRO B 179 8.21 33.48 -13.46
CA PRO B 179 8.55 33.98 -14.80
C PRO B 179 9.92 34.66 -14.92
N ARG B 180 10.50 35.06 -13.79
CA ARG B 180 11.81 35.68 -13.71
C ARG B 180 12.93 34.64 -13.55
N LEU B 181 12.57 33.35 -13.40
CA LEU B 181 13.54 32.30 -13.16
C LEU B 181 14.21 31.87 -14.47
N SER B 182 15.46 31.42 -14.33
CA SER B 182 16.17 30.73 -15.40
C SER B 182 16.97 29.57 -14.79
N ILE B 183 17.06 28.46 -15.52
CA ILE B 183 17.91 27.35 -15.16
C ILE B 183 19.34 27.72 -15.54
N ALA B 184 20.32 27.03 -14.95
CA ALA B 184 21.72 27.31 -15.21
C ALA B 184 22.50 26.01 -15.40
N ASP B 185 23.72 26.14 -15.91
CA ASP B 185 24.57 25.02 -16.33
C ASP B 185 25.68 24.78 -15.32
N SER B 186 25.77 25.62 -14.28
CA SER B 186 26.82 25.48 -13.28
C SER B 186 26.39 26.18 -12.00
N CYS B 187 27.09 25.90 -10.90
CA CYS B 187 26.76 26.54 -9.63
C CYS B 187 27.37 27.93 -9.65
N ALA B 188 28.60 27.99 -10.19
CA ALA B 188 29.30 29.23 -10.54
C ALA B 188 28.37 30.25 -11.20
N ALA B 189 27.70 29.81 -12.27
CA ALA B 189 26.86 30.68 -13.07
C ALA B 189 25.66 31.20 -12.26
N ALA B 190 25.11 30.35 -11.37
CA ALA B 190 23.90 30.69 -10.65
C ALA B 190 24.15 31.77 -9.58
N VAL B 191 25.38 31.85 -9.04
CA VAL B 191 25.66 32.63 -7.84
C VAL B 191 26.28 33.96 -8.26
N ALA B 192 26.39 34.17 -9.57
CA ALA B 192 26.99 35.38 -10.09
C ALA B 192 26.20 36.62 -9.72
N ASP B 193 26.90 37.59 -9.14
CA ASP B 193 26.25 38.83 -8.76
C ASP B 193 25.03 38.51 -7.93
N ALA B 194 25.16 37.47 -7.10
CA ALA B 194 24.03 37.05 -6.30
C ALA B 194 23.96 37.76 -4.98
N ASP B 195 22.79 38.29 -4.65
CA ASP B 195 22.58 38.92 -3.36
C ASP B 195 22.21 37.91 -2.26
N VAL B 196 21.34 37.00 -2.64
CA VAL B 196 20.92 35.94 -1.78
C VAL B 196 21.12 34.66 -2.58
N ILE B 197 21.66 33.66 -1.87
CA ILE B 197 21.96 32.33 -2.38
C ILE B 197 21.46 31.31 -1.34
N MET B 198 20.51 30.52 -1.80
CA MET B 198 19.76 29.64 -0.93
C MET B 198 20.17 28.22 -1.30
N LEU B 199 21.13 27.67 -0.53
CA LEU B 199 21.56 26.28 -0.69
C LEU B 199 20.44 25.40 -0.13
N CYS B 200 19.88 24.55 -0.99
CA CYS B 200 18.80 23.63 -0.63
C CYS B 200 19.14 22.18 -1.03
N THR B 201 20.39 21.76 -0.84
CA THR B 201 20.81 20.48 -1.39
C THR B 201 20.81 19.40 -0.31
N SER B 202 21.19 18.18 -0.73
CA SER B 202 21.37 17.00 0.12
C SER B 202 22.84 16.69 0.25
N SER B 203 23.71 17.61 -0.18
CA SER B 203 25.12 17.34 -0.18
C SER B 203 25.60 17.05 1.23
N ALA B 204 26.60 16.20 1.34
CA ALA B 204 27.24 15.89 2.62
C ALA B 204 28.32 16.94 2.85
N GLY B 205 28.90 17.36 1.72
CA GLY B 205 30.04 18.27 1.72
C GLY B 205 29.81 19.55 0.91
N PRO B 206 30.76 20.49 0.98
CA PRO B 206 30.59 21.84 0.40
C PRO B 206 30.12 21.89 -1.05
N VAL B 207 29.10 22.71 -1.32
CA VAL B 207 28.66 22.92 -2.68
C VAL B 207 29.07 24.33 -3.13
N LEU B 208 29.69 25.11 -2.22
CA LEU B 208 30.00 26.51 -2.50
C LEU B 208 31.09 27.02 -1.55
N ASP B 209 32.13 27.67 -2.08
CA ASP B 209 33.06 28.42 -1.23
C ASP B 209 32.70 29.89 -1.25
N PRO B 210 32.21 30.47 -0.13
CA PRO B 210 31.79 31.88 -0.11
C PRO B 210 32.87 32.92 -0.42
N ALA B 211 34.13 32.46 -0.37
CA ALA B 211 35.26 33.32 -0.67
C ALA B 211 35.52 33.33 -2.17
N HIS B 212 34.66 32.67 -2.95
CA HIS B 212 34.84 32.64 -4.39
C HIS B 212 33.67 33.37 -5.05
N LEU B 213 32.99 34.21 -4.29
CA LEU B 213 31.83 34.93 -4.79
C LEU B 213 32.28 36.28 -5.30
N SER B 214 31.49 36.87 -6.19
CA SER B 214 31.84 38.15 -6.81
C SER B 214 31.65 39.27 -5.79
N LYS B 215 30.49 39.32 -5.13
CA LYS B 215 30.24 40.20 -4.00
C LYS B 215 29.72 39.38 -2.79
N PRO B 216 29.79 39.95 -1.55
CA PRO B 216 29.20 39.35 -0.35
C PRO B 216 27.71 39.15 -0.47
N ALA B 217 27.27 37.95 -0.16
CA ALA B 217 25.86 37.59 -0.25
C ALA B 217 25.40 36.97 1.07
N LEU B 218 24.07 36.90 1.18
CA LEU B 218 23.40 36.11 2.18
C LEU B 218 23.40 34.70 1.61
N ILE B 219 23.78 33.72 2.47
CA ILE B 219 23.98 32.32 2.13
C ILE B 219 23.26 31.50 3.20
N THR B 220 22.15 30.87 2.79
CA THR B 220 21.34 30.05 3.64
C THR B 220 21.72 28.60 3.36
N SER B 221 21.59 27.74 4.39
CA SER B 221 21.95 26.31 4.28
C SER B 221 20.92 25.43 4.99
N ILE B 222 20.53 24.30 4.39
CA ILE B 222 19.62 23.42 5.16
C ILE B 222 20.10 21.96 5.33
N SER B 223 21.13 21.54 4.60
CA SER B 223 21.41 20.11 4.42
C SER B 223 21.67 19.51 5.78
N THR B 224 21.02 18.37 6.07
CA THR B 224 21.14 17.70 7.34
C THR B 224 21.32 16.18 7.19
N ASN B 225 20.95 15.61 6.05
CA ASN B 225 20.94 14.15 5.93
C ASN B 225 22.28 13.51 5.72
N ALA B 226 23.17 13.73 6.66
CA ALA B 226 24.46 13.07 6.60
C ALA B 226 25.14 13.35 7.92
N PRO B 227 26.04 12.47 8.32
CA PRO B 227 26.75 12.78 9.54
C PRO B 227 27.55 14.06 9.38
N ARG B 228 27.20 15.09 10.14
CA ARG B 228 27.93 16.34 10.09
C ARG B 228 27.88 16.96 8.69
N ALA B 229 26.72 16.83 8.04
CA ALA B 229 26.56 17.35 6.69
C ALA B 229 26.79 18.86 6.66
N HIS B 230 27.46 19.38 5.62
CA HIS B 230 27.69 20.81 5.47
C HIS B 230 27.73 21.22 4.00
N GLU B 231 27.27 22.45 3.75
CA GLU B 231 27.02 22.95 2.41
C GLU B 231 28.12 23.93 2.06
N VAL B 232 28.89 24.36 3.05
CA VAL B 232 29.97 25.31 2.81
C VAL B 232 31.21 24.84 3.57
N PRO B 233 32.43 25.20 3.16
CA PRO B 233 33.62 24.81 3.91
C PRO B 233 33.50 25.20 5.37
N PRO B 234 33.81 24.33 6.35
CA PRO B 234 33.67 24.72 7.75
C PRO B 234 34.50 25.97 8.05
N HIS B 235 35.69 26.06 7.44
CA HIS B 235 36.62 27.13 7.80
C HIS B 235 36.06 28.51 7.41
N SER B 236 35.13 28.57 6.44
CA SER B 236 34.68 29.83 5.89
C SER B 236 33.77 30.56 6.86
N LEU B 237 33.37 29.91 7.95
CA LEU B 237 32.49 30.53 8.92
C LEU B 237 33.22 31.64 9.67
N ASN B 238 34.56 31.57 9.71
CA ASN B 238 35.40 32.50 10.47
C ASN B 238 35.52 33.81 9.68
N ALA B 239 35.06 33.75 8.44
CA ALA B 239 34.99 34.90 7.58
C ALA B 239 33.55 35.10 7.15
N MET B 240 32.56 34.73 7.97
CA MET B 240 31.20 35.13 7.65
C MET B 240 30.54 35.72 8.89
N GLN B 241 29.33 36.27 8.69
CA GLN B 241 28.52 36.84 9.75
C GLN B 241 27.42 35.83 9.99
N VAL B 242 27.64 34.95 10.96
CA VAL B 242 26.87 33.72 11.08
C VAL B 242 25.58 33.96 11.88
N PHE B 243 24.45 33.59 11.27
CA PHE B 243 23.18 33.40 11.96
C PHE B 243 22.77 31.92 11.96
N CYS B 244 21.73 31.56 12.73
CA CYS B 244 21.16 30.21 12.73
C CYS B 244 19.73 30.26 13.27
N ASP B 245 18.98 29.18 13.12
CA ASP B 245 17.56 29.22 13.49
C ASP B 245 17.42 29.41 15.00
N TYR B 246 18.12 28.60 15.80
CA TYR B 246 18.08 28.76 17.24
C TYR B 246 19.49 28.53 17.81
N ARG B 247 19.91 29.44 18.68
CA ARG B 247 21.28 29.58 19.15
C ARG B 247 21.65 28.51 20.18
N GLN B 248 20.65 28.01 20.89
CA GLN B 248 20.90 27.16 22.04
C GLN B 248 21.16 25.72 21.57
N THR B 249 20.68 25.32 20.40
CA THR B 249 20.67 23.92 20.02
C THR B 249 21.51 23.72 18.76
N THR B 250 21.19 24.46 17.69
CA THR B 250 21.73 24.16 16.36
C THR B 250 23.25 24.18 16.29
N PRO B 251 23.96 25.12 16.95
CA PRO B 251 25.43 25.05 16.94
C PRO B 251 26.01 23.73 17.44
N ASP B 252 25.34 23.04 18.38
CA ASP B 252 25.89 21.80 18.92
C ASP B 252 25.70 20.61 17.96
N ALA B 253 24.84 20.74 16.94
CA ALA B 253 24.56 19.61 16.06
C ALA B 253 24.89 19.88 14.59
N ALA B 254 25.00 21.14 14.16
CA ALA B 254 25.28 21.46 12.76
C ALA B 254 26.73 21.13 12.38
N GLY B 255 26.88 20.41 11.26
CA GLY B 255 28.17 19.88 10.86
C GLY B 255 29.29 20.92 10.81
N GLU B 256 29.05 21.99 10.00
CA GLU B 256 30.05 22.98 9.69
C GLU B 256 30.51 23.62 10.99
N MET B 257 29.54 23.92 11.84
CA MET B 257 29.83 24.59 13.09
C MET B 257 30.65 23.68 13.99
N LEU B 258 30.29 22.39 14.00
CA LEU B 258 31.06 21.44 14.79
C LEU B 258 32.49 21.40 14.24
N ILE B 259 32.63 21.24 12.92
CA ILE B 259 33.94 20.98 12.35
C ILE B 259 34.82 22.23 12.49
N ALA B 260 34.20 23.41 12.29
CA ALA B 260 34.90 24.67 12.42
C ALA B 260 35.40 24.82 13.85
N SER B 261 34.52 24.66 14.82
CA SER B 261 34.95 24.78 16.21
C SER B 261 36.01 23.75 16.59
N GLU B 262 36.09 22.61 15.89
CA GLU B 262 37.07 21.57 16.20
C GLU B 262 38.39 21.88 15.49
N GLN B 263 38.35 22.34 14.25
CA GLN B 263 39.56 22.35 13.45
C GLN B 263 40.08 23.75 13.15
N HIS B 264 39.19 24.74 13.16
CA HIS B 264 39.47 26.02 12.55
C HIS B 264 39.35 27.16 13.55
N GLY B 265 39.24 26.84 14.83
CA GLY B 265 39.30 27.86 15.86
C GLY B 265 38.01 28.66 15.98
N TRP B 266 36.93 28.21 15.32
CA TRP B 266 35.63 28.86 15.40
C TRP B 266 34.98 28.60 16.77
N ASP B 267 34.06 29.48 17.18
CA ASP B 267 33.51 29.49 18.53
C ASP B 267 32.06 29.94 18.45
N LYS B 268 31.15 29.11 18.93
CA LYS B 268 29.72 29.38 18.89
C LYS B 268 29.35 30.79 19.39
N ARG B 269 30.17 31.38 20.26
CA ARG B 269 29.85 32.70 20.75
C ARG B 269 29.78 33.73 19.61
N ALA B 270 30.35 33.38 18.44
CA ALA B 270 30.39 34.20 17.24
C ALA B 270 29.02 34.38 16.59
N VAL B 271 28.10 33.43 16.82
CA VAL B 271 26.81 33.52 16.17
C VAL B 271 26.14 34.85 16.54
N MET B 272 25.85 35.65 15.49
CA MET B 272 25.43 37.03 15.67
C MET B 272 23.93 37.08 16.00
N GLY B 273 23.19 35.99 15.72
CA GLY B 273 21.77 36.02 15.98
C GLY B 273 21.03 34.81 15.44
N ASP B 274 19.80 34.65 15.91
CA ASP B 274 18.94 33.54 15.54
C ASP B 274 17.58 34.14 15.25
N LEU B 275 16.60 33.32 14.89
CA LEU B 275 15.34 33.87 14.41
C LEU B 275 14.55 34.48 15.58
N PRO B 276 14.49 33.85 16.76
CA PRO B 276 13.86 34.49 17.92
C PRO B 276 14.36 35.91 18.14
N GLU B 277 15.68 36.08 18.13
CA GLU B 277 16.28 37.38 18.34
C GLU B 277 15.93 38.38 17.20
N LEU B 278 16.28 38.03 15.96
CA LEU B 278 15.97 38.82 14.79
C LEU B 278 14.57 39.39 14.82
N LEU B 279 13.57 38.51 15.01
CA LEU B 279 12.16 38.84 14.85
C LEU B 279 11.61 39.45 16.13
N SER B 280 12.46 39.63 17.16
CA SER B 280 11.99 40.36 18.32
C SER B 280 12.90 41.54 18.57
N ASP B 281 13.71 41.87 17.54
CA ASP B 281 14.47 43.11 17.42
C ASP B 281 15.61 43.15 18.44
N MET B 282 16.18 42.00 18.78
CA MET B 282 17.28 41.98 19.74
C MET B 282 18.47 41.24 19.13
N ALA B 283 18.61 41.34 17.80
CA ALA B 283 19.71 40.72 17.09
C ALA B 283 20.32 41.74 16.14
N GLN B 284 21.62 41.57 15.89
CA GLN B 284 22.33 42.49 15.01
C GLN B 284 22.15 42.24 13.51
N ARG B 285 21.23 42.94 12.86
CA ARG B 285 21.15 42.82 11.40
C ARG B 285 22.55 43.18 10.98
N PRO B 286 23.10 42.43 10.01
CA PRO B 286 24.51 42.68 9.70
C PRO B 286 24.81 43.64 8.56
N ASP B 287 26.07 44.02 8.44
CA ASP B 287 26.47 44.83 7.32
C ASP B 287 26.81 43.81 6.26
N TYR B 288 27.23 44.24 5.09
CA TYR B 288 27.66 43.24 4.12
C TYR B 288 29.12 43.35 3.79
N GLN B 289 29.92 43.72 4.77
CA GLN B 289 31.36 43.77 4.57
C GLN B 289 31.90 42.36 4.41
N ARG B 290 31.20 41.41 5.01
CA ARG B 290 31.53 40.00 4.84
C ARG B 290 30.26 39.29 4.43
N PRO B 291 30.35 38.09 3.79
CA PRO B 291 29.15 37.32 3.51
C PRO B 291 28.41 37.03 4.82
N VAL B 292 27.09 36.89 4.71
CA VAL B 292 26.25 36.58 5.85
C VAL B 292 25.71 35.18 5.64
N PHE B 293 25.92 34.28 6.65
CA PHE B 293 25.53 32.87 6.61
C PHE B 293 24.35 32.63 7.54
N PHE B 294 23.28 32.03 7.01
CA PHE B 294 22.25 31.50 7.89
C PHE B 294 22.07 29.96 7.82
N ARG B 295 22.22 29.28 8.96
CA ARG B 295 22.11 27.80 9.04
C ARG B 295 20.79 27.32 9.68
N SER B 296 20.02 26.51 8.94
CA SER B 296 18.91 25.80 9.53
C SER B 296 19.17 24.27 9.54
N ILE B 297 18.75 23.62 10.62
CA ILE B 297 18.76 22.15 10.65
C ILE B 297 17.40 21.61 11.04
N GLY B 298 16.35 22.43 11.01
CA GLY B 298 15.03 22.06 11.50
C GLY B 298 14.91 22.21 13.02
N LEU B 299 13.71 22.57 13.49
CA LEU B 299 13.48 22.73 14.90
C LEU B 299 12.03 22.34 15.19
N GLY B 300 11.87 21.44 16.20
CA GLY B 300 10.61 20.79 16.45
C GLY B 300 9.45 21.76 16.69
N LEU B 301 9.76 22.87 17.37
CA LEU B 301 8.71 23.84 17.55
C LEU B 301 8.00 24.16 16.24
N GLU B 302 8.74 24.16 15.12
CA GLU B 302 8.16 24.43 13.80
C GLU B 302 7.15 23.34 13.44
N ASP B 303 7.55 22.07 13.76
CA ASP B 303 6.76 20.87 13.55
C ASP B 303 5.53 20.86 14.43
N ILE B 304 5.67 21.26 15.68
CA ILE B 304 4.53 21.22 16.58
C ILE B 304 3.55 22.33 16.21
N ALA B 305 4.07 23.53 15.89
CA ALA B 305 3.21 24.62 15.37
C ALA B 305 2.33 24.17 14.20
N LEU B 306 2.96 23.57 13.19
CA LEU B 306 2.20 23.17 12.02
C LEU B 306 1.16 22.10 12.36
N ALA B 307 1.58 21.04 13.11
CA ALA B 307 0.62 20.04 13.53
C ALA B 307 -0.49 20.70 14.34
N ASN B 308 -0.14 21.60 15.26
CA ASN B 308 -1.16 22.27 16.03
C ASN B 308 -2.15 22.94 15.08
N ALA B 309 -1.63 23.56 14.02
CA ALA B 309 -2.50 24.23 13.07
C ALA B 309 -3.52 23.24 12.49
N LEU B 310 -3.08 22.04 12.06
CA LEU B 310 -3.98 21.09 11.40
C LEU B 310 -5.06 20.65 12.38
N TYR B 311 -4.67 20.55 13.65
CA TYR B 311 -5.57 20.00 14.65
C TYR B 311 -6.69 21.00 14.90
N GLN B 312 -6.39 22.29 14.82
CA GLN B 312 -7.40 23.31 15.05
C GLN B 312 -8.44 23.26 13.93
N LEU B 313 -7.96 23.10 12.68
CA LEU B 313 -8.84 22.89 11.55
C LEU B 313 -9.62 21.59 11.71
N GLN B 314 -8.93 20.48 12.03
CA GLN B 314 -9.56 19.20 12.20
C GLN B 314 -10.74 19.33 13.16
N ARG B 315 -10.52 20.00 14.31
CA ARG B 315 -11.55 20.20 15.34
C ARG B 315 -12.82 20.81 14.74
N THR C 4 4.57 1.55 -14.73
CA THR C 4 3.50 0.53 -14.98
C THR C 4 3.94 -0.36 -16.13
N PRO C 5 3.42 -1.61 -16.25
CA PRO C 5 2.50 -2.21 -15.27
C PRO C 5 3.13 -3.06 -14.16
N HIS C 6 2.71 -2.83 -12.90
CA HIS C 6 3.25 -3.55 -11.76
C HIS C 6 2.73 -4.99 -11.75
N VAL C 7 3.58 -5.94 -11.32
CA VAL C 7 3.23 -7.36 -11.28
C VAL C 7 3.26 -7.88 -9.85
N ILE C 8 2.08 -8.13 -9.27
CA ILE C 8 1.96 -8.65 -7.91
C ILE C 8 1.86 -10.17 -7.94
N GLN C 9 2.50 -10.84 -6.99
CA GLN C 9 2.37 -12.28 -6.85
C GLN C 9 1.72 -12.60 -5.50
N GLN C 10 1.64 -13.90 -5.19
CA GLN C 10 0.82 -14.41 -4.12
C GLN C 10 1.10 -13.66 -2.82
N ALA C 11 2.38 -13.56 -2.47
CA ALA C 11 2.81 -12.97 -1.22
C ALA C 11 2.30 -11.52 -1.11
N GLN C 12 2.61 -10.70 -2.13
CA GLN C 12 2.33 -9.28 -2.07
C GLN C 12 0.83 -9.02 -2.25
N ALA C 13 0.13 -9.98 -2.87
CA ALA C 13 -1.31 -9.93 -2.96
C ALA C 13 -1.93 -10.17 -1.59
N ARG C 14 -1.55 -11.26 -0.93
CA ARG C 14 -2.11 -11.63 0.37
C ARG C 14 -2.01 -10.45 1.33
N GLU C 15 -0.85 -9.79 1.31
CA GLU C 15 -0.54 -8.68 2.19
C GLU C 15 -1.39 -7.45 1.91
N LEU C 16 -1.72 -7.19 0.63
CA LEU C 16 -2.50 -6.02 0.29
C LEU C 16 -3.99 -6.33 0.43
N LEU C 17 -4.35 -7.60 0.25
CA LEU C 17 -5.69 -8.07 0.57
C LEU C 17 -6.00 -7.80 2.04
N ALA C 18 -5.01 -8.02 2.92
CA ALA C 18 -5.15 -7.78 4.35
C ALA C 18 -5.49 -6.34 4.70
N GLN C 19 -5.36 -5.40 3.75
CA GLN C 19 -5.45 -3.98 4.05
C GLN C 19 -6.68 -3.35 3.41
N ILE C 20 -7.54 -4.16 2.79
CA ILE C 20 -8.67 -3.59 2.06
C ILE C 20 -9.98 -4.13 2.61
N ASP C 21 -10.99 -3.27 2.56
CA ASP C 21 -12.31 -3.58 3.04
C ASP C 21 -13.10 -4.19 1.88
N VAL C 22 -12.91 -5.50 1.69
CA VAL C 22 -13.58 -6.23 0.63
C VAL C 22 -15.08 -5.98 0.70
N PRO C 23 -15.77 -6.18 1.87
CA PRO C 23 -17.22 -5.99 1.95
C PRO C 23 -17.71 -4.62 1.53
N GLN C 24 -16.92 -3.59 1.89
CA GLN C 24 -17.19 -2.22 1.48
C GLN C 24 -17.09 -2.14 -0.04
N ILE C 25 -15.97 -2.65 -0.59
CA ILE C 25 -15.69 -2.56 -2.02
C ILE C 25 -16.84 -3.18 -2.80
N LEU C 26 -17.18 -4.41 -2.41
CA LEU C 26 -18.23 -5.20 -3.03
C LEU C 26 -19.58 -4.49 -2.90
N HIS C 27 -19.84 -3.85 -1.76
CA HIS C 27 -21.14 -3.23 -1.52
C HIS C 27 -21.35 -2.09 -2.52
N LYS C 28 -20.36 -1.21 -2.65
CA LYS C 28 -20.46 -0.11 -3.60
C LYS C 28 -20.50 -0.65 -5.02
N LEU C 29 -19.76 -1.73 -5.28
CA LEU C 29 -19.68 -2.33 -6.60
C LEU C 29 -21.07 -2.68 -7.16
N PHE C 30 -21.87 -3.37 -6.35
CA PHE C 30 -23.14 -3.89 -6.84
C PHE C 30 -24.16 -2.76 -7.01
N ARG C 31 -23.99 -1.68 -6.24
CA ARG C 31 -24.86 -0.53 -6.37
C ARG C 31 -24.51 0.25 -7.63
N ASP C 32 -23.21 0.33 -7.95
CA ASP C 32 -22.77 0.94 -9.19
C ASP C 32 -23.27 0.11 -10.37
N LEU C 33 -23.22 -1.22 -10.21
CA LEU C 33 -23.69 -2.14 -11.22
C LEU C 33 -25.19 -1.98 -11.44
N ALA C 34 -25.93 -1.70 -10.37
CA ALA C 34 -27.36 -1.45 -10.45
C ALA C 34 -27.63 -0.15 -11.19
N ALA C 35 -26.74 0.85 -11.06
CA ALA C 35 -26.98 2.17 -11.65
C ALA C 35 -26.65 2.21 -13.14
N GLY C 36 -25.76 1.32 -13.61
CA GLY C 36 -25.31 1.36 -14.98
C GLY C 36 -23.92 1.98 -15.09
N LEU C 37 -23.20 2.05 -13.95
CA LEU C 37 -21.87 2.63 -13.87
C LEU C 37 -20.82 1.53 -13.94
N ALA C 38 -21.25 0.27 -13.80
CA ALA C 38 -20.37 -0.89 -13.91
C ALA C 38 -21.04 -1.92 -14.81
N VAL C 39 -20.21 -2.63 -15.59
CA VAL C 39 -20.73 -3.55 -16.58
C VAL C 39 -20.18 -4.94 -16.28
N GLN C 40 -21.04 -5.94 -16.45
CA GLN C 40 -20.73 -7.33 -16.14
C GLN C 40 -21.11 -8.20 -17.33
N PRO C 41 -20.20 -8.41 -18.31
CA PRO C 41 -20.42 -9.40 -19.36
C PRO C 41 -20.44 -10.79 -18.73
N ALA C 42 -20.95 -11.76 -19.50
CA ALA C 42 -20.94 -13.14 -19.10
C ALA C 42 -19.51 -13.63 -18.95
N GLN C 43 -19.33 -14.69 -18.17
CA GLN C 43 -18.08 -15.42 -18.15
C GLN C 43 -17.94 -16.16 -19.47
N GLN C 44 -16.73 -16.61 -19.82
CA GLN C 44 -16.51 -17.36 -21.05
C GLN C 44 -15.64 -18.56 -20.73
N LEU C 45 -16.18 -19.77 -20.97
CA LEU C 45 -15.50 -21.02 -20.71
C LEU C 45 -14.92 -21.56 -22.01
N VAL C 46 -13.64 -21.95 -22.00
CA VAL C 46 -12.98 -22.53 -23.17
C VAL C 46 -12.31 -23.82 -22.75
N ALA C 47 -12.55 -24.90 -23.50
CA ALA C 47 -12.02 -26.21 -23.21
C ALA C 47 -10.70 -26.47 -23.94
N PHE C 48 -9.71 -27.01 -23.23
CA PHE C 48 -8.49 -27.46 -23.89
C PHE C 48 -8.77 -28.74 -24.66
N PRO C 49 -8.00 -29.05 -25.72
CA PRO C 49 -8.14 -30.31 -26.44
C PRO C 49 -7.69 -31.52 -25.63
N LYS C 50 -8.21 -32.70 -26.01
CA LYS C 50 -7.84 -33.98 -25.43
C LYS C 50 -8.07 -33.99 -23.91
N GLY C 51 -9.18 -33.38 -23.49
CA GLY C 51 -9.62 -33.36 -22.09
C GLY C 51 -8.51 -32.96 -21.12
N ALA C 52 -7.71 -31.96 -21.52
CA ALA C 52 -6.56 -31.50 -20.73
C ALA C 52 -7.03 -30.55 -19.62
N GLY C 53 -8.28 -30.09 -19.72
CA GLY C 53 -8.81 -29.08 -18.82
C GLY C 53 -9.48 -27.94 -19.59
N ASP C 54 -9.62 -26.81 -18.92
CA ASP C 54 -10.26 -25.67 -19.54
C ASP C 54 -9.82 -24.42 -18.84
N PHE C 55 -10.46 -23.31 -19.18
CA PHE C 55 -10.14 -22.07 -18.52
C PHE C 55 -11.34 -21.15 -18.61
N ILE C 56 -11.47 -20.28 -17.62
CA ILE C 56 -12.57 -19.35 -17.62
C ILE C 56 -12.10 -17.95 -17.47
N ASN C 57 -12.60 -17.07 -18.32
CA ASN C 57 -12.30 -15.66 -18.21
C ASN C 57 -13.53 -14.97 -17.64
N TYR C 58 -13.27 -14.03 -16.75
CA TYR C 58 -14.28 -13.16 -16.17
C TYR C 58 -13.90 -11.73 -16.48
N LEU C 59 -14.89 -10.92 -16.86
CA LEU C 59 -14.68 -9.54 -17.26
C LEU C 59 -15.40 -8.60 -16.31
N GLY C 60 -14.94 -7.35 -16.25
CA GLY C 60 -15.72 -6.29 -15.64
C GLY C 60 -15.23 -4.93 -16.09
N VAL C 61 -16.19 -3.99 -16.22
CA VAL C 61 -15.88 -2.59 -16.44
C VAL C 61 -16.28 -1.83 -15.17
N LEU C 62 -15.35 -1.02 -14.66
CA LEU C 62 -15.57 -0.15 -13.51
C LEU C 62 -15.38 1.30 -13.92
N ALA C 63 -16.35 1.84 -14.68
CA ALA C 63 -16.24 3.21 -15.18
C ALA C 63 -16.04 4.19 -14.03
N GLU C 64 -16.64 3.94 -12.86
CA GLU C 64 -16.48 4.85 -11.74
C GLU C 64 -15.02 4.92 -11.30
N ASP C 65 -14.22 3.87 -11.53
CA ASP C 65 -12.82 3.89 -11.13
C ASP C 65 -11.92 4.05 -12.36
N GLY C 66 -12.53 4.16 -13.54
CA GLY C 66 -11.83 4.39 -14.79
C GLY C 66 -10.95 3.22 -15.20
N VAL C 67 -11.36 1.98 -14.85
CA VAL C 67 -10.63 0.78 -15.25
C VAL C 67 -11.61 -0.33 -15.62
N TYR C 68 -11.16 -1.20 -16.54
CA TYR C 68 -11.79 -2.47 -16.82
C TYR C 68 -10.74 -3.57 -16.61
N GLY C 69 -11.13 -4.83 -16.77
CA GLY C 69 -10.13 -5.88 -16.66
C GLY C 69 -10.68 -7.25 -17.00
N VAL C 70 -9.76 -8.23 -16.95
CA VAL C 70 -10.07 -9.62 -17.21
C VAL C 70 -9.30 -10.50 -16.23
N LYS C 71 -9.99 -11.51 -15.67
CA LYS C 71 -9.35 -12.51 -14.83
C LYS C 71 -9.37 -13.84 -15.53
N THR C 72 -8.20 -14.46 -15.69
CA THR C 72 -8.12 -15.72 -16.38
C THR C 72 -7.82 -16.80 -15.34
N SER C 73 -8.63 -17.85 -15.36
CA SER C 73 -8.60 -18.88 -14.34
C SER C 73 -8.61 -20.27 -14.98
N PRO C 74 -7.42 -20.83 -15.29
CA PRO C 74 -7.32 -22.17 -15.89
C PRO C 74 -7.35 -23.35 -14.92
N TYR C 75 -8.07 -24.41 -15.33
CA TYR C 75 -8.11 -25.70 -14.65
C TYR C 75 -7.28 -26.70 -15.45
N ILE C 76 -6.10 -27.07 -14.94
CA ILE C 76 -5.19 -28.00 -15.61
C ILE C 76 -5.14 -29.31 -14.81
N VAL C 77 -5.15 -30.45 -15.53
CA VAL C 77 -5.16 -31.76 -14.90
C VAL C 77 -3.72 -32.25 -14.72
N PRO C 82 -4.14 -32.08 -10.03
CA PRO C 82 -5.20 -31.18 -10.52
C PRO C 82 -4.98 -29.73 -10.07
N LEU C 83 -4.59 -28.87 -11.03
CA LEU C 83 -4.07 -27.55 -10.73
C LEU C 83 -4.99 -26.45 -11.27
N VAL C 84 -5.26 -25.46 -10.40
CA VAL C 84 -6.17 -24.35 -10.68
C VAL C 84 -5.51 -23.06 -10.20
N THR C 85 -5.58 -22.01 -11.01
CA THR C 85 -4.97 -20.73 -10.68
C THR C 85 -5.88 -19.61 -11.16
N ALA C 86 -5.52 -18.37 -10.80
CA ALA C 86 -6.32 -17.22 -11.19
C ALA C 86 -5.46 -15.97 -11.19
N TRP C 87 -5.39 -15.32 -12.36
CA TRP C 87 -4.61 -14.10 -12.54
C TRP C 87 -5.50 -13.03 -13.13
N THR C 88 -5.43 -11.83 -12.56
CA THR C 88 -6.21 -10.73 -13.09
C THR C 88 -5.32 -9.72 -13.80
N LEU C 89 -5.82 -9.21 -14.94
CA LEU C 89 -5.18 -8.13 -15.66
C LEU C 89 -6.10 -6.92 -15.60
N LEU C 90 -5.57 -5.82 -15.09
CA LEU C 90 -6.33 -4.60 -14.99
C LEU C 90 -5.81 -3.60 -16.02
N MET C 91 -6.71 -2.86 -16.65
CA MET C 91 -6.37 -1.93 -17.70
C MET C 91 -7.09 -0.61 -17.46
N SER C 92 -6.46 0.49 -17.91
CA SER C 92 -7.03 1.81 -17.75
C SER C 92 -8.06 2.05 -18.84
N MET C 93 -9.11 2.80 -18.50
CA MET C 93 -10.09 3.24 -19.50
C MET C 93 -9.72 4.63 -20.05
N HIS C 94 -8.60 5.19 -19.57
CA HIS C 94 -8.18 6.51 -19.98
C HIS C 94 -7.17 6.39 -21.11
N ASN C 95 -6.07 5.67 -20.88
CA ASN C 95 -5.01 5.58 -21.88
C ASN C 95 -4.98 4.20 -22.55
N GLY C 96 -5.69 3.21 -22.00
CA GLY C 96 -5.72 1.89 -22.61
C GLY C 96 -4.47 1.07 -22.33
N GLN C 97 -3.67 1.48 -21.35
CA GLN C 97 -2.45 0.76 -20.97
C GLN C 97 -2.68 -0.09 -19.72
N PRO C 98 -1.92 -1.20 -19.56
CA PRO C 98 -2.08 -2.08 -18.40
C PRO C 98 -1.62 -1.46 -17.08
N LEU C 99 -2.52 -1.43 -16.08
CA LEU C 99 -2.24 -0.87 -14.78
C LEU C 99 -1.64 -1.90 -13.82
N LEU C 100 -2.06 -3.16 -13.92
CA LEU C 100 -1.65 -4.17 -12.94
C LEU C 100 -1.83 -5.58 -13.51
N LEU C 101 -0.88 -6.48 -13.19
CA LEU C 101 -1.06 -7.90 -13.41
C LEU C 101 -0.83 -8.61 -12.06
N CYS C 102 -1.87 -9.30 -11.56
CA CYS C 102 -1.96 -9.68 -10.15
C CYS C 102 -2.43 -11.11 -9.94
N ASP C 103 -1.67 -11.90 -9.16
CA ASP C 103 -2.04 -13.27 -8.86
C ASP C 103 -3.21 -13.31 -7.88
N ALA C 104 -4.38 -13.79 -8.32
CA ALA C 104 -5.62 -13.60 -7.59
C ALA C 104 -6.08 -14.88 -6.91
N HIS C 105 -5.16 -15.80 -6.61
CA HIS C 105 -5.49 -17.02 -5.89
C HIS C 105 -6.32 -16.67 -4.66
N GLU C 106 -5.89 -15.62 -3.93
CA GLU C 106 -6.46 -15.31 -2.63
C GLU C 106 -7.66 -14.37 -2.79
N LEU C 107 -7.51 -13.36 -3.65
CA LEU C 107 -8.56 -12.38 -3.89
C LEU C 107 -9.88 -13.11 -4.25
N THR C 108 -9.73 -14.19 -5.02
CA THR C 108 -10.86 -15.01 -5.42
C THR C 108 -11.50 -15.61 -4.16
N THR C 109 -10.70 -16.25 -3.31
CA THR C 109 -11.23 -16.83 -2.10
C THR C 109 -12.06 -15.77 -1.39
N ALA C 110 -11.47 -14.60 -1.15
CA ALA C 110 -12.11 -13.58 -0.35
C ALA C 110 -13.42 -13.16 -0.97
N ARG C 111 -13.39 -12.78 -2.26
CA ARG C 111 -14.53 -12.09 -2.86
C ARG C 111 -15.74 -13.02 -2.86
N THR C 112 -15.50 -14.33 -2.93
CA THR C 112 -16.56 -15.32 -2.94
C THR C 112 -17.29 -15.34 -1.59
N ALA C 113 -16.50 -15.35 -0.50
CA ALA C 113 -17.01 -15.33 0.87
C ALA C 113 -17.74 -14.02 1.18
N ALA C 114 -17.18 -12.89 0.70
CA ALA C 114 -17.74 -11.58 0.99
C ALA C 114 -18.96 -11.30 0.12
N THR C 115 -19.12 -12.04 -0.99
CA THR C 115 -20.30 -11.86 -1.82
C THR C 115 -21.46 -12.65 -1.24
N THR C 116 -21.16 -13.86 -0.76
CA THR C 116 -22.16 -14.67 -0.06
C THR C 116 -22.61 -13.94 1.21
N ALA C 117 -21.66 -13.29 1.90
CA ALA C 117 -21.95 -12.64 3.16
C ALA C 117 -22.95 -11.52 2.95
N LEU C 118 -22.70 -10.70 1.94
CA LEU C 118 -23.59 -9.59 1.65
C LEU C 118 -24.99 -10.14 1.41
N ALA C 119 -25.06 -11.32 0.79
CA ALA C 119 -26.34 -11.92 0.46
C ALA C 119 -27.03 -12.33 1.74
N VAL C 120 -26.27 -12.94 2.65
CA VAL C 120 -26.83 -13.38 3.92
C VAL C 120 -27.29 -12.18 4.71
N ASP C 121 -26.65 -11.05 4.50
CA ASP C 121 -27.05 -9.85 5.18
C ASP C 121 -28.37 -9.37 4.66
N ALA C 122 -28.54 -9.36 3.35
CA ALA C 122 -29.76 -8.77 2.79
C ALA C 122 -30.93 -9.74 2.68
N LEU C 123 -30.72 -11.00 3.01
CA LEU C 123 -31.78 -11.97 2.81
C LEU C 123 -32.16 -12.68 4.11
N ALA C 124 -31.17 -12.95 4.97
CA ALA C 124 -31.44 -13.64 6.21
C ALA C 124 -32.35 -12.76 7.06
N PRO C 125 -33.19 -13.36 7.94
CA PRO C 125 -33.92 -12.59 8.94
C PRO C 125 -32.94 -11.90 9.87
N LEU C 126 -33.29 -10.69 10.34
CA LEU C 126 -32.45 -9.93 11.26
C LEU C 126 -32.29 -10.70 12.57
N ALA C 127 -33.31 -11.49 12.91
CA ALA C 127 -33.28 -12.25 14.14
C ALA C 127 -33.12 -13.72 13.80
N ALA C 128 -31.96 -14.07 13.24
CA ALA C 128 -31.58 -15.45 13.08
C ALA C 128 -30.40 -15.73 14.00
N ARG C 129 -30.32 -16.94 14.53
CA ARG C 129 -29.35 -17.21 15.57
C ARG C 129 -28.58 -18.50 15.30
N ARG C 130 -29.09 -19.43 14.47
CA ARG C 130 -28.38 -20.69 14.27
C ARG C 130 -27.91 -20.86 12.82
N LEU C 131 -26.62 -21.18 12.64
CA LEU C 131 -25.97 -21.13 11.33
C LEU C 131 -25.21 -22.42 11.02
N ALA C 132 -25.32 -22.88 9.77
CA ALA C 132 -24.67 -24.09 9.33
C ALA C 132 -23.71 -23.77 8.20
N ILE C 133 -22.66 -24.60 8.07
CA ILE C 133 -21.63 -24.42 7.05
C ILE C 133 -21.14 -25.78 6.61
N ILE C 134 -21.59 -26.21 5.43
CA ILE C 134 -21.15 -27.47 4.86
C ILE C 134 -19.85 -27.18 4.12
N GLY C 135 -18.95 -28.17 4.09
CA GLY C 135 -17.62 -27.99 3.55
C GLY C 135 -16.68 -27.28 4.53
N SER C 136 -15.39 -27.64 4.43
CA SER C 136 -14.39 -27.24 5.42
C SER C 136 -13.11 -26.79 4.73
N GLY C 137 -13.22 -26.32 3.48
CA GLY C 137 -12.05 -25.83 2.76
C GLY C 137 -11.82 -24.35 3.03
N LYS C 138 -10.93 -23.76 2.22
CA LYS C 138 -10.58 -22.34 2.32
C LYS C 138 -11.82 -21.47 2.13
N VAL C 139 -12.72 -21.87 1.22
CA VAL C 139 -13.90 -21.10 0.89
C VAL C 139 -14.88 -21.14 2.06
N ALA C 140 -14.99 -22.29 2.72
CA ALA C 140 -15.81 -22.40 3.92
C ALA C 140 -15.25 -21.51 5.02
N GLN C 141 -13.94 -21.62 5.26
CA GLN C 141 -13.29 -20.83 6.30
C GLN C 141 -13.56 -19.34 6.10
N ALA C 142 -13.27 -18.84 4.89
CA ALA C 142 -13.46 -17.43 4.59
C ALA C 142 -14.93 -17.07 4.74
N HIS C 143 -15.81 -17.95 4.28
CA HIS C 143 -17.25 -17.78 4.44
C HIS C 143 -17.56 -17.52 5.91
N LEU C 144 -16.88 -18.25 6.79
CA LEU C 144 -17.17 -18.15 8.21
C LEU C 144 -16.88 -16.75 8.71
N ARG C 145 -15.73 -16.22 8.31
CA ARG C 145 -15.21 -15.01 8.91
C ARG C 145 -15.88 -13.76 8.36
N TYR C 146 -16.68 -13.91 7.31
CA TYR C 146 -17.17 -12.74 6.60
C TYR C 146 -18.61 -12.43 6.98
N VAL C 147 -19.24 -13.37 7.69
CA VAL C 147 -20.62 -13.20 8.13
C VAL C 147 -20.68 -13.39 9.65
N GLN C 148 -19.57 -13.80 10.26
CA GLN C 148 -19.52 -14.11 11.68
C GLN C 148 -20.18 -13.02 12.52
N ASN C 149 -19.97 -11.74 12.17
CA ASN C 149 -20.48 -10.65 12.97
C ASN C 149 -21.64 -9.96 12.28
N LEU C 150 -22.37 -10.70 11.44
CA LEU C 150 -23.44 -10.12 10.66
C LEU C 150 -24.77 -10.53 11.30
N ARG C 151 -24.76 -11.71 11.94
CA ARG C 151 -25.91 -12.23 12.65
C ARG C 151 -25.51 -12.53 14.09
N ASP C 152 -26.50 -12.49 14.99
CA ASP C 152 -26.28 -12.72 16.42
C ASP C 152 -26.30 -14.21 16.66
N TRP C 153 -25.29 -14.90 16.14
CA TRP C 153 -25.27 -16.35 16.13
C TRP C 153 -25.19 -16.88 17.55
N GLN C 154 -26.16 -17.72 17.93
CA GLN C 154 -26.10 -18.44 19.20
C GLN C 154 -25.28 -19.71 19.02
N HIS C 155 -25.30 -20.27 17.82
CA HIS C 155 -24.57 -21.49 17.53
C HIS C 155 -24.16 -21.52 16.06
N ILE C 156 -22.98 -22.10 15.79
CA ILE C 156 -22.46 -22.30 14.45
C ILE C 156 -21.93 -23.72 14.31
N SER C 157 -22.42 -24.44 13.30
CA SER C 157 -22.16 -25.85 13.18
C SER C 157 -21.72 -26.22 11.76
N LEU C 158 -20.43 -26.53 11.53
CA LEU C 158 -20.03 -26.92 10.20
C LEU C 158 -19.73 -28.42 10.13
N PHE C 159 -19.88 -28.97 8.92
CA PHE C 159 -19.65 -30.37 8.65
C PHE C 159 -18.90 -30.54 7.33
N SER C 160 -18.01 -31.53 7.33
CA SER C 160 -17.29 -32.01 6.15
C SER C 160 -16.98 -33.49 6.36
N PRO C 161 -17.01 -34.36 5.33
CA PRO C 161 -16.71 -35.78 5.53
C PRO C 161 -15.39 -35.98 6.27
N SER C 162 -14.32 -35.31 5.81
CA SER C 162 -12.97 -35.48 6.33
C SER C 162 -12.92 -35.40 7.86
N LEU C 163 -13.55 -34.36 8.44
CA LEU C 163 -13.39 -34.06 9.86
C LEU C 163 -13.86 -35.24 10.70
N ALA C 164 -15.02 -35.82 10.35
CA ALA C 164 -15.58 -36.95 11.07
C ALA C 164 -14.88 -38.25 10.69
N ARG C 180 -20.83 -23.43 21.78
CA ARG C 180 -21.35 -22.38 20.85
C ARG C 180 -21.07 -22.81 19.40
N LEU C 181 -19.79 -22.93 19.04
CA LEU C 181 -19.41 -23.37 17.71
C LEU C 181 -19.04 -24.85 17.85
N SER C 182 -19.32 -25.64 16.82
CA SER C 182 -19.12 -27.08 16.96
C SER C 182 -18.99 -27.74 15.60
N ILE C 183 -17.86 -28.41 15.40
CA ILE C 183 -17.79 -29.38 14.32
C ILE C 183 -18.87 -30.41 14.57
N ALA C 184 -19.51 -30.88 13.50
CA ALA C 184 -20.55 -31.90 13.58
C ALA C 184 -20.07 -33.19 12.91
N ASP C 185 -20.92 -34.21 12.96
CA ASP C 185 -20.56 -35.58 12.63
C ASP C 185 -21.35 -36.06 11.43
N SER C 186 -22.26 -35.20 10.93
CA SER C 186 -23.07 -35.49 9.76
C SER C 186 -23.68 -34.19 9.23
N CYS C 187 -24.11 -34.21 7.96
CA CYS C 187 -24.77 -33.06 7.35
C CYS C 187 -26.09 -32.81 8.09
N ALA C 188 -26.83 -33.90 8.35
CA ALA C 188 -28.08 -33.83 9.09
C ALA C 188 -27.91 -33.05 10.40
N ALA C 189 -26.82 -33.31 11.12
CA ALA C 189 -26.57 -32.70 12.43
C ALA C 189 -26.33 -31.20 12.30
N ALA C 190 -25.47 -30.81 11.36
CA ALA C 190 -25.07 -29.41 11.21
C ALA C 190 -26.28 -28.52 10.97
N VAL C 191 -27.20 -28.97 10.11
CA VAL C 191 -28.25 -28.11 9.59
C VAL C 191 -29.45 -28.10 10.52
N ALA C 192 -29.43 -28.90 11.57
CA ALA C 192 -30.59 -29.02 12.45
C ALA C 192 -30.98 -27.65 12.98
N ASP C 193 -32.22 -27.22 12.70
CA ASP C 193 -32.77 -26.00 13.30
C ASP C 193 -31.97 -24.78 12.80
N ALA C 194 -31.32 -24.91 11.65
CA ALA C 194 -30.50 -23.82 11.12
C ALA C 194 -31.41 -22.77 10.47
N ASP C 195 -31.01 -21.49 10.63
CA ASP C 195 -31.67 -20.39 9.96
C ASP C 195 -30.97 -20.08 8.64
N VAL C 196 -29.64 -20.18 8.63
CA VAL C 196 -28.86 -19.96 7.44
C VAL C 196 -27.90 -21.15 7.28
N ILE C 197 -28.00 -21.81 6.12
CA ILE C 197 -27.09 -22.88 5.74
C ILE C 197 -26.28 -22.44 4.54
N MET C 198 -24.94 -22.52 4.65
CA MET C 198 -24.02 -22.12 3.61
C MET C 198 -23.27 -23.34 3.09
N LEU C 199 -23.71 -23.82 1.91
CA LEU C 199 -23.00 -24.86 1.16
C LEU C 199 -21.76 -24.24 0.51
N CYS C 200 -20.60 -24.82 0.83
CA CYS C 200 -19.30 -24.31 0.42
C CYS C 200 -18.43 -25.48 -0.03
N THR C 201 -18.98 -26.33 -0.89
CA THR C 201 -18.36 -27.61 -1.14
C THR C 201 -17.83 -27.65 -2.56
N SER C 202 -17.03 -28.69 -2.85
CA SER C 202 -16.61 -28.98 -4.20
C SER C 202 -17.52 -30.04 -4.82
N SER C 203 -18.67 -30.29 -4.20
CA SER C 203 -19.50 -31.37 -4.68
C SER C 203 -20.02 -31.01 -6.06
N ALA C 204 -20.10 -32.01 -6.93
CA ALA C 204 -20.70 -31.89 -8.25
C ALA C 204 -22.20 -32.17 -8.20
N GLY C 205 -22.68 -32.68 -7.07
CA GLY C 205 -24.05 -33.15 -6.96
C GLY C 205 -24.60 -32.92 -5.56
N PRO C 206 -25.94 -32.93 -5.37
CA PRO C 206 -26.55 -32.40 -4.15
C PRO C 206 -25.94 -32.89 -2.85
N VAL C 207 -25.70 -31.95 -1.93
CA VAL C 207 -25.23 -32.24 -0.59
C VAL C 207 -26.34 -31.91 0.40
N LEU C 208 -27.52 -31.55 -0.10
CA LEU C 208 -28.62 -31.18 0.78
C LEU C 208 -29.94 -31.25 0.03
N ASP C 209 -30.98 -31.83 0.65
CA ASP C 209 -32.34 -31.64 0.18
C ASP C 209 -33.02 -30.62 1.08
N PRO C 210 -33.35 -29.41 0.58
CA PRO C 210 -34.19 -28.46 1.32
C PRO C 210 -35.48 -29.04 1.90
N ALA C 211 -35.97 -30.15 1.34
CA ALA C 211 -37.25 -30.70 1.74
C ALA C 211 -37.12 -31.41 3.09
N HIS C 212 -35.88 -31.67 3.51
CA HIS C 212 -35.59 -32.44 4.70
C HIS C 212 -35.04 -31.53 5.82
N LEU C 213 -35.32 -30.23 5.76
CA LEU C 213 -34.91 -29.33 6.83
C LEU C 213 -36.01 -29.30 7.87
N SER C 214 -35.67 -28.95 9.12
CA SER C 214 -36.65 -28.85 10.19
C SER C 214 -37.56 -27.66 9.95
N LYS C 215 -37.00 -26.54 9.44
CA LYS C 215 -37.77 -25.35 9.13
C LYS C 215 -37.19 -24.65 7.91
N PRO C 216 -37.92 -23.66 7.31
CA PRO C 216 -37.41 -22.89 6.19
C PRO C 216 -36.09 -22.19 6.56
N ALA C 217 -35.09 -22.29 5.68
CA ALA C 217 -33.81 -21.65 5.89
C ALA C 217 -33.37 -20.90 4.63
N LEU C 218 -32.37 -20.03 4.83
CA LEU C 218 -31.62 -19.46 3.73
C LEU C 218 -30.49 -20.43 3.38
N ILE C 219 -30.46 -20.84 2.11
CA ILE C 219 -29.45 -21.75 1.61
C ILE C 219 -28.67 -21.02 0.52
N THR C 220 -27.34 -20.87 0.72
CA THR C 220 -26.43 -20.24 -0.23
C THR C 220 -25.54 -21.34 -0.80
N SER C 221 -25.23 -21.24 -2.12
CA SER C 221 -24.48 -22.29 -2.83
C SER C 221 -23.41 -21.66 -3.71
N ILE C 222 -22.21 -22.21 -3.69
CA ILE C 222 -21.11 -21.60 -4.43
C ILE C 222 -20.46 -22.59 -5.39
N SER C 223 -20.77 -23.89 -5.31
CA SER C 223 -20.03 -24.90 -6.05
C SER C 223 -20.04 -24.57 -7.55
N THR C 224 -18.86 -24.61 -8.17
CA THR C 224 -18.75 -24.30 -9.59
C THR C 224 -17.80 -25.24 -10.32
N ASN C 225 -16.79 -25.79 -9.64
CA ASN C 225 -15.79 -26.62 -10.30
C ASN C 225 -16.38 -27.99 -10.57
N ALA C 226 -17.31 -28.03 -11.52
CA ALA C 226 -17.84 -29.26 -12.05
C ALA C 226 -18.85 -28.90 -13.12
N PRO C 227 -18.82 -29.57 -14.29
CA PRO C 227 -19.82 -29.30 -15.33
C PRO C 227 -21.20 -29.34 -14.66
N ARG C 228 -21.88 -28.20 -14.63
CA ARG C 228 -23.25 -28.16 -14.16
C ARG C 228 -23.33 -28.52 -12.67
N ALA C 229 -22.28 -28.16 -11.93
CA ALA C 229 -22.21 -28.45 -10.51
C ALA C 229 -23.40 -27.81 -9.80
N HIS C 230 -23.89 -28.52 -8.78
CA HIS C 230 -25.00 -28.04 -7.96
C HIS C 230 -25.01 -28.79 -6.64
N GLU C 231 -25.43 -28.06 -5.61
CA GLU C 231 -25.29 -28.49 -4.24
C GLU C 231 -26.67 -28.77 -3.65
N VAL C 232 -27.71 -28.63 -4.48
CA VAL C 232 -29.05 -28.99 -4.05
C VAL C 232 -29.75 -29.65 -5.22
N PRO C 233 -30.85 -30.39 -4.98
CA PRO C 233 -31.56 -31.07 -6.06
C PRO C 233 -32.15 -30.01 -6.96
N PRO C 234 -31.87 -30.06 -8.27
CA PRO C 234 -32.39 -29.05 -9.21
C PRO C 234 -33.90 -28.85 -9.14
N HIS C 235 -34.65 -29.91 -8.78
CA HIS C 235 -36.10 -29.81 -8.70
C HIS C 235 -36.52 -28.94 -7.51
N SER C 236 -35.65 -28.84 -6.48
CA SER C 236 -36.04 -28.14 -5.26
C SER C 236 -36.26 -26.65 -5.52
N LEU C 237 -35.59 -26.10 -6.55
CA LEU C 237 -35.67 -24.67 -6.88
C LEU C 237 -37.11 -24.21 -7.10
N ASN C 238 -37.96 -25.12 -7.60
CA ASN C 238 -39.39 -24.89 -7.80
C ASN C 238 -40.15 -24.76 -6.47
N ALA C 239 -39.46 -24.95 -5.33
CA ALA C 239 -40.09 -24.88 -4.03
C ALA C 239 -39.28 -23.96 -3.13
N MET C 240 -38.45 -23.12 -3.74
CA MET C 240 -37.70 -22.14 -2.98
C MET C 240 -37.90 -20.76 -3.61
N GLN C 241 -37.58 -19.71 -2.84
CA GLN C 241 -37.51 -18.35 -3.36
C GLN C 241 -36.07 -18.09 -3.75
N VAL C 242 -35.83 -17.91 -5.06
CA VAL C 242 -34.49 -18.01 -5.59
C VAL C 242 -33.93 -16.62 -5.91
N PHE C 243 -32.70 -16.38 -5.43
CA PHE C 243 -31.94 -15.18 -5.74
C PHE C 243 -30.57 -15.60 -6.24
N CYS C 244 -29.84 -14.69 -6.88
CA CYS C 244 -28.52 -15.02 -7.41
C CYS C 244 -27.56 -13.83 -7.43
N ASP C 245 -26.27 -14.11 -7.61
CA ASP C 245 -25.30 -13.03 -7.70
C ASP C 245 -25.68 -12.06 -8.80
N TYR C 246 -25.92 -12.57 -10.01
CA TYR C 246 -26.36 -11.71 -11.10
C TYR C 246 -27.45 -12.35 -11.95
N ARG C 247 -28.59 -11.67 -12.10
CA ARG C 247 -29.73 -12.21 -12.83
C ARG C 247 -29.43 -12.44 -14.31
N GLN C 248 -28.65 -11.54 -14.93
CA GLN C 248 -28.48 -11.52 -16.37
C GLN C 248 -27.53 -12.62 -16.86
N THR C 249 -26.68 -13.13 -15.98
CA THR C 249 -25.64 -14.05 -16.43
C THR C 249 -25.77 -15.41 -15.75
N THR C 250 -25.93 -15.42 -14.43
CA THR C 250 -25.70 -16.62 -13.66
C THR C 250 -26.75 -17.69 -14.01
N PRO C 251 -28.04 -17.34 -14.23
CA PRO C 251 -29.03 -18.36 -14.57
C PRO C 251 -28.72 -19.16 -15.82
N ASP C 252 -27.91 -18.60 -16.72
CA ASP C 252 -27.54 -19.27 -17.96
C ASP C 252 -26.34 -20.20 -17.77
N ALA C 253 -25.69 -20.17 -16.60
CA ALA C 253 -24.56 -21.05 -16.37
C ALA C 253 -24.65 -21.85 -15.05
N ALA C 254 -25.65 -21.61 -14.19
CA ALA C 254 -25.71 -22.33 -12.91
C ALA C 254 -26.34 -23.72 -13.07
N GLY C 255 -25.59 -24.76 -12.68
CA GLY C 255 -26.00 -26.12 -12.94
C GLY C 255 -27.45 -26.45 -12.57
N GLU C 256 -27.84 -26.16 -11.33
CA GLU C 256 -29.17 -26.52 -10.87
C GLU C 256 -30.25 -25.83 -11.69
N MET C 257 -30.03 -24.55 -11.99
CA MET C 257 -31.01 -23.71 -12.68
C MET C 257 -31.15 -24.20 -14.12
N LEU C 258 -30.02 -24.44 -14.77
CA LEU C 258 -30.08 -25.10 -16.07
C LEU C 258 -30.86 -26.40 -15.97
N ILE C 259 -30.46 -27.33 -15.07
CA ILE C 259 -31.12 -28.63 -14.99
C ILE C 259 -32.59 -28.41 -14.63
N ALA C 260 -32.83 -27.56 -13.65
CA ALA C 260 -34.22 -27.32 -13.25
C ALA C 260 -35.07 -26.86 -14.43
N SER C 261 -34.52 -26.01 -15.31
CA SER C 261 -35.33 -25.46 -16.38
C SER C 261 -35.47 -26.48 -17.51
N GLU C 262 -34.41 -27.26 -17.74
CA GLU C 262 -34.47 -28.28 -18.78
C GLU C 262 -35.42 -29.40 -18.43
N GLN C 263 -35.58 -29.72 -17.12
CA GLN C 263 -36.21 -30.96 -16.73
C GLN C 263 -37.41 -30.76 -15.81
N HIS C 264 -37.37 -29.73 -14.96
CA HIS C 264 -38.32 -29.64 -13.85
C HIS C 264 -39.34 -28.52 -14.05
N GLY C 265 -39.29 -27.86 -15.23
CA GLY C 265 -40.30 -26.89 -15.62
C GLY C 265 -40.08 -25.54 -14.94
N TRP C 266 -38.89 -25.32 -14.41
CA TRP C 266 -38.57 -24.05 -13.79
C TRP C 266 -38.08 -23.07 -14.86
N ASP C 267 -38.38 -21.78 -14.67
CA ASP C 267 -38.02 -20.74 -15.61
C ASP C 267 -37.29 -19.66 -14.84
N LYS C 268 -36.28 -19.06 -15.46
CA LYS C 268 -35.45 -18.06 -14.78
C LYS C 268 -36.24 -16.79 -14.46
N ARG C 269 -37.41 -16.60 -15.07
CA ARG C 269 -38.23 -15.45 -14.74
C ARG C 269 -38.65 -15.51 -13.27
N ALA C 270 -38.41 -16.65 -12.64
CA ALA C 270 -38.79 -16.87 -11.25
C ALA C 270 -37.70 -16.39 -10.30
N VAL C 271 -36.55 -15.93 -10.81
CA VAL C 271 -35.55 -15.37 -9.92
C VAL C 271 -36.07 -14.05 -9.36
N MET C 272 -36.14 -13.99 -8.03
CA MET C 272 -36.83 -12.92 -7.33
C MET C 272 -35.92 -11.70 -7.20
N GLY C 273 -34.60 -11.93 -7.25
CA GLY C 273 -33.66 -10.84 -7.08
C GLY C 273 -32.22 -11.29 -7.23
N ASP C 274 -31.35 -10.30 -7.49
CA ASP C 274 -29.90 -10.45 -7.51
C ASP C 274 -29.34 -9.37 -6.60
N LEU C 275 -28.02 -9.38 -6.38
CA LEU C 275 -27.40 -8.45 -5.43
C LEU C 275 -27.53 -6.99 -5.88
N PRO C 276 -27.31 -6.63 -7.16
CA PRO C 276 -27.67 -5.29 -7.63
C PRO C 276 -29.04 -4.84 -7.17
N GLU C 277 -30.06 -5.68 -7.40
CA GLU C 277 -31.44 -5.29 -7.15
C GLU C 277 -31.68 -5.20 -5.65
N LEU C 278 -31.11 -6.12 -4.89
CA LEU C 278 -31.28 -6.11 -3.45
C LEU C 278 -30.71 -4.80 -2.89
N LEU C 279 -29.47 -4.45 -3.26
CA LEU C 279 -28.81 -3.26 -2.69
C LEU C 279 -29.39 -1.97 -3.27
N SER C 280 -30.32 -2.07 -4.22
CA SER C 280 -30.96 -0.91 -4.81
C SER C 280 -32.48 -1.02 -4.70
N ASP C 281 -32.96 -1.71 -3.65
CA ASP C 281 -34.39 -1.80 -3.35
C ASP C 281 -35.26 -1.90 -4.59
N MET C 282 -34.93 -2.80 -5.50
CA MET C 282 -35.80 -3.06 -6.63
C MET C 282 -35.98 -4.57 -6.81
N ALA C 283 -35.78 -5.33 -5.73
CA ALA C 283 -35.97 -6.78 -5.76
C ALA C 283 -37.28 -7.14 -5.08
N GLN C 284 -37.60 -8.43 -5.10
CA GLN C 284 -38.74 -8.94 -4.36
C GLN C 284 -38.24 -9.52 -3.05
N ARG C 285 -38.53 -8.83 -1.94
CA ARG C 285 -38.05 -9.27 -0.64
C ARG C 285 -38.71 -10.61 -0.34
N PRO C 286 -37.99 -11.59 0.26
CA PRO C 286 -38.58 -12.88 0.52
C PRO C 286 -39.41 -12.89 1.79
N ASP C 287 -40.50 -13.66 1.79
CA ASP C 287 -41.12 -14.11 3.03
C ASP C 287 -40.30 -15.29 3.51
N TYR C 288 -40.48 -15.71 4.76
CA TYR C 288 -39.84 -16.95 5.15
C TYR C 288 -40.90 -18.03 5.36
N GLN C 289 -41.97 -17.92 4.59
CA GLN C 289 -42.91 -19.01 4.43
C GLN C 289 -42.17 -20.15 3.74
N ARG C 290 -41.56 -19.88 2.58
CA ARG C 290 -40.81 -20.91 1.87
C ARG C 290 -39.33 -20.72 2.20
N PRO C 291 -38.46 -21.72 1.93
CA PRO C 291 -37.02 -21.52 2.05
C PRO C 291 -36.51 -20.57 0.99
N VAL C 292 -35.38 -19.91 1.27
CA VAL C 292 -34.79 -18.97 0.34
C VAL C 292 -33.48 -19.56 -0.16
N PHE C 293 -33.17 -19.32 -1.44
CA PHE C 293 -32.00 -19.89 -2.09
C PHE C 293 -31.24 -18.77 -2.79
N PHE C 294 -29.93 -18.68 -2.52
CA PHE C 294 -29.04 -17.71 -3.14
C PHE C 294 -27.87 -18.43 -3.82
N ARG C 295 -27.76 -18.29 -5.14
CA ARG C 295 -26.70 -18.96 -5.89
C ARG C 295 -25.61 -17.95 -6.32
N SER C 296 -24.34 -18.33 -6.13
CA SER C 296 -23.23 -17.56 -6.64
C SER C 296 -22.39 -18.46 -7.53
N ILE C 297 -21.99 -17.97 -8.71
CA ILE C 297 -21.03 -18.69 -9.52
C ILE C 297 -19.74 -17.91 -9.60
N GLY C 298 -19.72 -16.72 -8.99
CA GLY C 298 -18.63 -15.77 -9.19
C GLY C 298 -18.96 -14.79 -10.32
N LEU C 299 -18.58 -13.50 -10.15
CA LEU C 299 -18.66 -12.51 -11.20
C LEU C 299 -17.34 -11.78 -11.36
N GLY C 300 -17.07 -11.35 -12.59
CA GLY C 300 -15.83 -10.69 -12.97
C GLY C 300 -15.63 -9.40 -12.20
N LEU C 301 -16.73 -8.63 -12.03
CA LEU C 301 -16.62 -7.33 -11.40
C LEU C 301 -16.04 -7.47 -10.01
N GLU C 302 -16.46 -8.51 -9.29
CA GLU C 302 -15.91 -8.81 -7.99
C GLU C 302 -14.38 -8.92 -8.11
N ASP C 303 -13.89 -9.42 -9.25
CA ASP C 303 -12.47 -9.68 -9.42
C ASP C 303 -11.74 -8.40 -9.81
N ILE C 304 -12.41 -7.57 -10.61
CA ILE C 304 -11.82 -6.36 -11.15
C ILE C 304 -11.85 -5.26 -10.09
N ALA C 305 -12.79 -5.35 -9.14
CA ALA C 305 -12.84 -4.41 -8.04
C ALA C 305 -11.63 -4.60 -7.12
N LEU C 306 -11.40 -5.85 -6.71
CA LEU C 306 -10.30 -6.20 -5.81
C LEU C 306 -8.93 -5.96 -6.45
N ALA C 307 -8.77 -6.29 -7.74
CA ALA C 307 -7.51 -6.02 -8.42
C ALA C 307 -7.23 -4.52 -8.44
N ASN C 308 -8.26 -3.72 -8.76
CA ASN C 308 -8.15 -2.27 -8.77
C ASN C 308 -7.83 -1.74 -7.39
N ALA C 309 -8.36 -2.37 -6.34
CA ALA C 309 -8.07 -1.95 -4.97
C ALA C 309 -6.61 -2.26 -4.60
N LEU C 310 -6.04 -3.34 -5.13
CA LEU C 310 -4.64 -3.63 -4.89
C LEU C 310 -3.80 -2.61 -5.62
N TYR C 311 -4.29 -2.16 -6.79
CA TYR C 311 -3.56 -1.22 -7.63
C TYR C 311 -3.47 0.14 -6.96
N GLN C 312 -4.53 0.55 -6.24
CA GLN C 312 -4.56 1.86 -5.63
C GLN C 312 -3.55 1.94 -4.48
N LEU C 313 -3.31 0.80 -3.81
CA LEU C 313 -2.29 0.71 -2.77
C LEU C 313 -0.92 0.58 -3.40
N GLN C 314 -0.78 -0.29 -4.41
CA GLN C 314 0.44 -0.38 -5.19
C GLN C 314 0.98 1.04 -5.42
N ARG C 315 0.14 1.89 -6.03
CA ARG C 315 0.55 3.21 -6.50
C ARG C 315 0.99 4.12 -5.35
N THR D 4 9.44 -14.92 -14.23
CA THR D 4 8.20 -14.62 -15.00
C THR D 4 7.19 -13.92 -14.09
N PRO D 5 6.19 -13.18 -14.65
CA PRO D 5 6.10 -12.92 -16.10
C PRO D 5 6.91 -11.72 -16.56
N HIS D 6 7.55 -11.83 -17.73
CA HIS D 6 8.27 -10.73 -18.33
C HIS D 6 7.29 -9.82 -19.07
N VAL D 7 7.56 -8.51 -19.05
CA VAL D 7 6.66 -7.50 -19.57
C VAL D 7 7.35 -6.76 -20.73
N ILE D 8 6.85 -6.94 -21.95
CA ILE D 8 7.43 -6.31 -23.13
C ILE D 8 6.63 -5.06 -23.48
N GLN D 9 7.31 -3.98 -23.86
CA GLN D 9 6.61 -2.80 -24.32
C GLN D 9 6.92 -2.63 -25.80
N GLN D 10 6.51 -1.47 -26.35
CA GLN D 10 6.41 -1.26 -27.79
C GLN D 10 7.74 -1.56 -28.49
N ALA D 11 8.82 -0.97 -27.98
CA ALA D 11 10.13 -1.09 -28.59
C ALA D 11 10.54 -2.55 -28.65
N GLN D 12 10.66 -3.19 -27.48
CA GLN D 12 11.18 -4.55 -27.40
C GLN D 12 10.31 -5.51 -28.22
N ALA D 13 9.03 -5.16 -28.39
CA ALA D 13 8.12 -5.95 -29.19
C ALA D 13 8.49 -5.83 -30.67
N ARG D 14 8.48 -4.60 -31.20
CA ARG D 14 8.86 -4.36 -32.58
C ARG D 14 10.16 -5.11 -32.89
N GLU D 15 11.09 -5.07 -31.93
CA GLU D 15 12.38 -5.73 -32.06
C GLU D 15 12.21 -7.22 -32.35
N LEU D 16 11.68 -7.98 -31.40
CA LEU D 16 11.68 -9.43 -31.54
C LEU D 16 10.66 -9.87 -32.59
N LEU D 17 9.73 -8.98 -32.96
CA LEU D 17 8.84 -9.20 -34.09
C LEU D 17 9.66 -9.29 -35.37
N ALA D 18 10.68 -8.42 -35.51
CA ALA D 18 11.59 -8.45 -36.63
C ALA D 18 12.30 -9.79 -36.76
N GLN D 19 12.45 -10.53 -35.66
CA GLN D 19 13.28 -11.72 -35.63
C GLN D 19 12.48 -13.01 -35.83
N ILE D 20 11.17 -12.92 -36.11
CA ILE D 20 10.33 -14.12 -36.17
C ILE D 20 9.62 -14.23 -37.52
N ASP D 21 9.32 -15.47 -37.89
CA ASP D 21 8.76 -15.80 -39.19
C ASP D 21 7.24 -15.86 -39.05
N VAL D 22 6.59 -14.70 -39.21
CA VAL D 22 5.16 -14.58 -38.97
C VAL D 22 4.42 -15.58 -39.86
N PRO D 23 4.64 -15.59 -41.20
CA PRO D 23 3.86 -16.42 -42.11
C PRO D 23 4.01 -17.92 -41.86
N GLN D 24 5.22 -18.36 -41.52
CA GLN D 24 5.41 -19.74 -41.08
C GLN D 24 4.55 -19.99 -39.84
N ILE D 25 4.79 -19.19 -38.80
CA ILE D 25 4.09 -19.30 -37.54
C ILE D 25 2.59 -19.41 -37.83
N LEU D 26 2.06 -18.46 -38.60
CA LEU D 26 0.65 -18.42 -38.94
C LEU D 26 0.26 -19.65 -39.77
N HIS D 27 1.08 -20.01 -40.76
CA HIS D 27 0.77 -21.14 -41.63
C HIS D 27 0.54 -22.39 -40.80
N LYS D 28 1.44 -22.64 -39.84
CA LYS D 28 1.35 -23.84 -39.00
C LYS D 28 0.13 -23.78 -38.08
N LEU D 29 -0.22 -22.58 -37.60
CA LEU D 29 -1.32 -22.42 -36.67
C LEU D 29 -2.61 -22.92 -37.29
N PHE D 30 -2.91 -22.45 -38.50
CA PHE D 30 -4.17 -22.81 -39.13
C PHE D 30 -4.22 -24.31 -39.33
N ARG D 31 -3.07 -24.93 -39.57
CA ARG D 31 -3.02 -26.38 -39.69
C ARG D 31 -3.29 -27.04 -38.34
N ASP D 32 -2.76 -26.47 -37.25
CA ASP D 32 -3.03 -26.98 -35.90
C ASP D 32 -4.51 -26.79 -35.57
N LEU D 33 -5.05 -25.62 -35.94
CA LEU D 33 -6.47 -25.33 -35.81
C LEU D 33 -7.29 -26.37 -36.58
N ALA D 34 -6.85 -26.70 -37.79
CA ALA D 34 -7.62 -27.61 -38.63
C ALA D 34 -7.59 -29.00 -38.02
N ALA D 35 -6.54 -29.31 -37.25
CA ALA D 35 -6.36 -30.66 -36.72
C ALA D 35 -7.06 -30.83 -35.35
N GLY D 36 -7.54 -29.73 -34.76
CA GLY D 36 -8.09 -29.78 -33.41
C GLY D 36 -7.01 -29.71 -32.34
N LEU D 37 -5.80 -29.31 -32.78
CA LEU D 37 -4.66 -29.14 -31.90
C LEU D 37 -4.60 -27.70 -31.38
N ALA D 38 -5.42 -26.81 -31.94
CA ALA D 38 -5.55 -25.44 -31.43
C ALA D 38 -7.03 -25.03 -31.38
N VAL D 39 -7.38 -24.15 -30.44
CA VAL D 39 -8.76 -23.75 -30.24
C VAL D 39 -8.89 -22.23 -30.41
N GLN D 40 -9.96 -21.80 -31.09
CA GLN D 40 -10.25 -20.40 -31.32
C GLN D 40 -11.68 -20.11 -30.90
N PRO D 41 -11.91 -19.64 -29.64
CA PRO D 41 -13.23 -19.11 -29.27
C PRO D 41 -13.58 -17.83 -30.04
N ALA D 42 -14.86 -17.46 -29.96
CA ALA D 42 -15.34 -16.24 -30.56
C ALA D 42 -14.72 -15.06 -29.83
N GLN D 43 -14.56 -13.93 -30.55
CA GLN D 43 -14.16 -12.69 -29.91
C GLN D 43 -15.31 -12.24 -29.03
N GLN D 44 -15.03 -11.29 -28.13
CA GLN D 44 -16.08 -10.72 -27.31
C GLN D 44 -15.93 -9.20 -27.27
N LEU D 45 -17.02 -8.49 -27.60
CA LEU D 45 -17.11 -7.05 -27.53
C LEU D 45 -17.84 -6.64 -26.26
N VAL D 46 -17.31 -5.66 -25.53
CA VAL D 46 -17.98 -5.13 -24.35
C VAL D 46 -17.98 -3.60 -24.41
N ALA D 47 -19.18 -3.01 -24.37
CA ALA D 47 -19.37 -1.57 -24.42
C ALA D 47 -19.14 -0.92 -23.07
N PHE D 48 -18.32 0.14 -23.06
CA PHE D 48 -18.26 1.07 -21.95
C PHE D 48 -19.56 1.86 -21.84
N PRO D 49 -20.02 2.22 -20.62
CA PRO D 49 -21.22 3.04 -20.44
C PRO D 49 -20.99 4.48 -20.89
N LYS D 50 -22.10 5.16 -21.27
CA LYS D 50 -22.12 6.54 -21.75
C LYS D 50 -21.19 6.71 -22.94
N GLY D 51 -21.38 5.87 -23.96
CA GLY D 51 -20.72 5.96 -25.25
C GLY D 51 -19.21 6.17 -25.18
N ALA D 52 -18.58 5.79 -24.05
CA ALA D 52 -17.18 6.11 -23.82
C ALA D 52 -16.25 5.28 -24.69
N GLY D 53 -16.78 4.28 -25.40
CA GLY D 53 -15.96 3.36 -26.17
C GLY D 53 -16.38 1.92 -25.92
N ASP D 54 -15.41 1.01 -26.06
CA ASP D 54 -15.63 -0.42 -25.88
C ASP D 54 -14.28 -1.12 -25.76
N PHE D 55 -14.31 -2.45 -25.68
CA PHE D 55 -13.11 -3.26 -25.86
C PHE D 55 -13.47 -4.61 -26.48
N ILE D 56 -12.46 -5.26 -27.04
CA ILE D 56 -12.62 -6.57 -27.63
C ILE D 56 -11.50 -7.43 -27.10
N ASN D 57 -11.88 -8.57 -26.51
CA ASN D 57 -10.94 -9.59 -26.11
C ASN D 57 -10.90 -10.65 -27.19
N TYR D 58 -9.69 -11.16 -27.46
CA TYR D 58 -9.44 -12.22 -28.43
C TYR D 58 -8.70 -13.34 -27.71
N LEU D 59 -9.19 -14.58 -27.88
CA LEU D 59 -8.65 -15.72 -27.16
C LEU D 59 -8.01 -16.72 -28.13
N GLY D 60 -7.09 -17.52 -27.60
CA GLY D 60 -6.55 -18.65 -28.33
C GLY D 60 -5.96 -19.70 -27.38
N VAL D 61 -6.07 -20.98 -27.77
CA VAL D 61 -5.46 -22.08 -27.04
C VAL D 61 -4.52 -22.82 -28.00
N LEU D 62 -3.22 -22.77 -27.69
CA LEU D 62 -2.19 -23.39 -28.53
C LEU D 62 -1.65 -24.60 -27.79
N ALA D 63 -2.46 -25.65 -27.72
CA ALA D 63 -2.09 -26.90 -27.08
C ALA D 63 -0.71 -27.36 -27.51
N GLU D 64 -0.45 -27.29 -28.82
CA GLU D 64 0.80 -27.76 -29.40
C GLU D 64 1.99 -27.00 -28.81
N ASP D 65 1.84 -25.68 -28.62
CA ASP D 65 2.92 -24.85 -28.09
C ASP D 65 2.82 -24.79 -26.57
N GLY D 66 1.75 -25.35 -26.01
CA GLY D 66 1.59 -25.47 -24.56
C GLY D 66 1.30 -24.13 -23.89
N VAL D 67 0.34 -23.38 -24.45
CA VAL D 67 0.01 -22.05 -23.97
C VAL D 67 -1.38 -21.66 -24.46
N TYR D 68 -2.04 -20.82 -23.66
CA TYR D 68 -3.18 -20.05 -24.12
C TYR D 68 -2.92 -18.58 -23.81
N GLY D 69 -3.81 -17.71 -24.26
CA GLY D 69 -3.66 -16.30 -23.93
C GLY D 69 -4.91 -15.52 -24.27
N VAL D 70 -4.89 -14.24 -23.88
CA VAL D 70 -5.96 -13.31 -24.21
C VAL D 70 -5.33 -11.98 -24.64
N LYS D 71 -5.90 -11.37 -25.69
CA LYS D 71 -5.50 -10.03 -26.09
C LYS D 71 -6.66 -9.10 -25.82
N THR D 72 -6.39 -7.99 -25.11
CA THR D 72 -7.44 -7.02 -24.88
C THR D 72 -7.12 -5.73 -25.62
N SER D 73 -8.05 -5.33 -26.49
CA SER D 73 -7.86 -4.15 -27.31
C SER D 73 -8.97 -3.16 -27.00
N PRO D 74 -8.73 -2.20 -26.07
CA PRO D 74 -9.67 -1.10 -25.85
C PRO D 74 -9.64 0.01 -26.91
N TYR D 75 -10.84 0.52 -27.23
CA TYR D 75 -11.07 1.70 -28.04
C TYR D 75 -11.63 2.80 -27.12
N ILE D 76 -10.86 3.88 -26.93
CA ILE D 76 -11.23 4.98 -26.05
C ILE D 76 -11.37 6.26 -26.87
N VAL D 77 -12.40 7.05 -26.58
CA VAL D 77 -12.68 8.24 -27.36
C VAL D 77 -12.06 9.43 -26.64
N GLY D 78 -11.69 10.44 -27.41
CA GLY D 78 -11.18 11.69 -26.88
C GLY D 78 -11.13 12.73 -27.98
N GLU D 79 -10.85 13.99 -27.58
CA GLU D 79 -10.79 15.09 -28.54
C GLU D 79 -9.70 14.77 -29.57
N GLN D 80 -8.52 14.38 -29.06
CA GLN D 80 -7.38 14.01 -29.89
C GLN D 80 -7.82 12.89 -30.84
N GLY D 81 -8.70 12.02 -30.33
CA GLY D 81 -9.30 10.98 -31.14
C GLY D 81 -9.27 9.65 -30.42
N PRO D 82 -9.60 8.56 -31.14
CA PRO D 82 -9.53 7.22 -30.56
C PRO D 82 -8.17 6.95 -29.93
N LEU D 83 -8.18 6.27 -28.79
CA LEU D 83 -6.97 5.71 -28.23
C LEU D 83 -7.15 4.19 -28.25
N VAL D 84 -6.78 3.59 -29.38
CA VAL D 84 -6.88 2.15 -29.54
C VAL D 84 -5.54 1.51 -29.18
N THR D 85 -5.58 0.46 -28.37
CA THR D 85 -4.38 -0.23 -27.97
C THR D 85 -4.64 -1.73 -28.01
N ALA D 86 -3.58 -2.51 -27.77
CA ALA D 86 -3.72 -3.96 -27.79
C ALA D 86 -2.57 -4.61 -27.02
N TRP D 87 -2.98 -5.38 -26.00
CA TRP D 87 -2.10 -5.97 -25.02
C TRP D 87 -2.47 -7.44 -24.85
N THR D 88 -1.44 -8.31 -24.90
CA THR D 88 -1.67 -9.75 -24.92
C THR D 88 -1.08 -10.38 -23.66
N LEU D 89 -1.87 -11.28 -23.03
CA LEU D 89 -1.45 -12.01 -21.85
C LEU D 89 -1.28 -13.47 -22.26
N LEU D 90 -0.09 -14.03 -22.00
CA LEU D 90 0.16 -15.42 -22.34
C LEU D 90 0.29 -16.23 -21.08
N MET D 91 -0.32 -17.44 -21.08
CA MET D 91 -0.37 -18.29 -19.91
C MET D 91 0.03 -19.72 -20.27
N SER D 92 0.74 -20.38 -19.35
CA SER D 92 1.19 -21.75 -19.58
C SER D 92 0.01 -22.68 -19.36
N MET D 93 -0.09 -23.73 -20.20
CA MET D 93 -1.12 -24.72 -20.00
C MET D 93 -0.60 -25.85 -19.11
N HIS D 94 0.59 -25.64 -18.52
CA HIS D 94 1.18 -26.64 -17.63
C HIS D 94 0.96 -26.21 -16.17
N ASN D 95 1.41 -25.02 -15.78
CA ASN D 95 1.26 -24.58 -14.39
C ASN D 95 0.29 -23.41 -14.25
N GLY D 96 -0.28 -22.92 -15.36
CA GLY D 96 -1.32 -21.92 -15.29
C GLY D 96 -0.80 -20.57 -14.80
N GLN D 97 0.54 -20.41 -14.83
CA GLN D 97 1.18 -19.16 -14.45
C GLN D 97 1.43 -18.32 -15.70
N PRO D 98 1.39 -16.97 -15.59
CA PRO D 98 1.51 -16.10 -16.76
C PRO D 98 2.94 -16.14 -17.29
N LEU D 99 3.08 -16.23 -18.61
CA LEU D 99 4.38 -16.34 -19.26
C LEU D 99 4.86 -14.98 -19.77
N LEU D 100 3.95 -14.17 -20.33
CA LEU D 100 4.35 -12.89 -20.88
C LEU D 100 3.15 -11.94 -20.96
N LEU D 101 3.38 -10.65 -20.68
CA LEU D 101 2.42 -9.60 -20.98
C LEU D 101 3.09 -8.58 -21.89
N CYS D 102 2.69 -8.55 -23.17
CA CYS D 102 3.42 -7.82 -24.19
C CYS D 102 2.50 -6.86 -24.94
N ASP D 103 2.96 -5.62 -25.13
CA ASP D 103 2.26 -4.65 -25.97
C ASP D 103 2.16 -5.22 -27.38
N ALA D 104 0.97 -5.16 -28.00
CA ALA D 104 0.70 -5.85 -29.25
C ALA D 104 0.16 -4.89 -30.31
N HIS D 105 0.44 -3.59 -30.15
CA HIS D 105 0.17 -2.63 -31.21
C HIS D 105 0.65 -3.20 -32.54
N GLU D 106 1.91 -3.66 -32.56
CA GLU D 106 2.60 -3.92 -33.82
C GLU D 106 2.39 -5.36 -34.27
N LEU D 107 2.41 -6.31 -33.32
CA LEU D 107 2.18 -7.72 -33.64
C LEU D 107 0.86 -7.87 -34.42
N THR D 108 -0.10 -6.99 -34.09
CA THR D 108 -1.44 -7.04 -34.63
C THR D 108 -1.42 -6.55 -36.09
N THR D 109 -0.70 -5.46 -36.35
CA THR D 109 -0.51 -5.05 -37.72
C THR D 109 0.07 -6.22 -38.50
N ALA D 110 1.16 -6.80 -37.98
CA ALA D 110 1.89 -7.87 -38.65
C ALA D 110 0.98 -9.04 -38.97
N ARG D 111 0.27 -9.56 -37.96
CA ARG D 111 -0.50 -10.78 -38.14
C ARG D 111 -1.64 -10.50 -39.13
N THR D 112 -2.11 -9.25 -39.19
CA THR D 112 -3.25 -8.88 -40.03
C THR D 112 -2.87 -9.03 -41.51
N ALA D 113 -1.69 -8.52 -41.86
CA ALA D 113 -1.16 -8.55 -43.22
C ALA D 113 -0.84 -9.98 -43.64
N ALA D 114 -0.21 -10.72 -42.73
CA ALA D 114 0.27 -12.06 -43.01
C ALA D 114 -0.90 -13.04 -43.15
N THR D 115 -2.01 -12.76 -42.45
CA THR D 115 -3.20 -13.58 -42.56
C THR D 115 -3.89 -13.35 -43.90
N THR D 116 -3.92 -12.09 -44.34
CA THR D 116 -4.42 -11.79 -45.68
C THR D 116 -3.53 -12.56 -46.68
N ALA D 117 -2.22 -12.49 -46.45
CA ALA D 117 -1.26 -13.10 -47.35
C ALA D 117 -1.63 -14.56 -47.59
N LEU D 118 -1.68 -15.34 -46.51
CA LEU D 118 -1.99 -16.76 -46.65
C LEU D 118 -3.25 -16.94 -47.49
N ALA D 119 -4.22 -16.01 -47.35
CA ALA D 119 -5.43 -16.06 -48.16
C ALA D 119 -5.09 -15.80 -49.62
N VAL D 120 -4.22 -14.83 -49.88
CA VAL D 120 -3.89 -14.52 -51.27
C VAL D 120 -3.14 -15.71 -51.87
N ASP D 121 -2.19 -16.28 -51.12
CA ASP D 121 -1.44 -17.44 -51.57
C ASP D 121 -2.37 -18.54 -52.03
N ALA D 122 -3.36 -18.85 -51.18
CA ALA D 122 -4.21 -20.01 -51.37
C ALA D 122 -5.30 -19.77 -52.41
N LEU D 123 -5.72 -18.51 -52.62
CA LEU D 123 -6.92 -18.24 -53.39
C LEU D 123 -6.64 -17.54 -54.72
N ALA D 124 -5.54 -16.78 -54.81
CA ALA D 124 -5.22 -16.10 -56.05
C ALA D 124 -4.80 -17.09 -57.13
N PRO D 125 -5.03 -16.78 -58.43
CA PRO D 125 -4.41 -17.55 -59.51
C PRO D 125 -2.89 -17.50 -59.34
N LEU D 126 -2.18 -18.57 -59.73
CA LEU D 126 -0.72 -18.61 -59.61
C LEU D 126 -0.09 -17.65 -60.62
N ALA D 127 -0.77 -17.46 -61.76
CA ALA D 127 -0.28 -16.55 -62.79
C ALA D 127 -1.09 -15.26 -62.74
N ALA D 128 -1.37 -14.80 -61.52
CA ALA D 128 -1.87 -13.46 -61.29
C ALA D 128 -0.71 -12.48 -61.45
N ARG D 129 -1.02 -11.28 -61.98
CA ARG D 129 0.03 -10.35 -62.36
C ARG D 129 -0.28 -8.91 -61.92
N ARG D 130 -1.55 -8.54 -61.77
CA ARG D 130 -1.89 -7.17 -61.39
C ARG D 130 -2.54 -7.09 -60.01
N LEU D 131 -2.00 -6.20 -59.15
CA LEU D 131 -2.32 -6.12 -57.73
C LEU D 131 -2.69 -4.71 -57.29
N ALA D 132 -3.92 -4.52 -56.83
CA ALA D 132 -4.39 -3.24 -56.32
C ALA D 132 -4.39 -3.25 -54.80
N ILE D 133 -4.30 -2.06 -54.17
CA ILE D 133 -4.30 -1.94 -52.72
C ILE D 133 -4.98 -0.63 -52.31
N ILE D 134 -6.14 -0.77 -51.64
CA ILE D 134 -6.91 0.37 -51.15
C ILE D 134 -6.57 0.60 -49.69
N GLY D 135 -6.30 1.87 -49.34
CA GLY D 135 -5.76 2.22 -48.04
C GLY D 135 -4.25 2.44 -48.11
N SER D 136 -3.75 3.40 -47.32
CA SER D 136 -2.36 3.83 -47.36
C SER D 136 -1.75 3.90 -45.95
N GLY D 137 -2.39 3.25 -44.98
CA GLY D 137 -1.93 3.23 -43.60
C GLY D 137 -0.91 2.12 -43.39
N LYS D 138 -0.56 1.85 -42.12
CA LYS D 138 0.47 0.87 -41.83
C LYS D 138 -0.06 -0.54 -42.12
N VAL D 139 -1.37 -0.72 -42.02
CA VAL D 139 -1.97 -2.01 -42.29
C VAL D 139 -1.85 -2.30 -43.80
N ALA D 140 -2.26 -1.33 -44.62
CA ALA D 140 -2.06 -1.41 -46.07
C ALA D 140 -0.59 -1.67 -46.43
N GLN D 141 0.32 -0.99 -45.75
CA GLN D 141 1.73 -1.12 -46.06
C GLN D 141 2.18 -2.56 -45.79
N ALA D 142 1.88 -3.07 -44.59
CA ALA D 142 2.33 -4.39 -44.16
C ALA D 142 1.85 -5.46 -45.13
N HIS D 143 0.65 -5.25 -45.69
CA HIS D 143 0.09 -6.16 -46.66
C HIS D 143 1.01 -6.26 -47.87
N LEU D 144 1.38 -5.10 -48.44
CA LEU D 144 2.28 -5.11 -49.57
C LEU D 144 3.51 -5.94 -49.24
N ARG D 145 4.09 -5.68 -48.07
CA ARG D 145 5.36 -6.29 -47.73
C ARG D 145 5.24 -7.81 -47.63
N TYR D 146 4.02 -8.33 -47.46
CA TYR D 146 3.86 -9.75 -47.16
C TYR D 146 3.31 -10.54 -48.34
N VAL D 147 2.76 -9.86 -49.35
CA VAL D 147 2.27 -10.53 -50.55
C VAL D 147 3.15 -10.18 -51.76
N GLN D 148 4.03 -9.19 -51.62
CA GLN D 148 4.81 -8.69 -52.75
C GLN D 148 5.59 -9.80 -53.45
N ASN D 149 6.07 -10.80 -52.69
CA ASN D 149 6.92 -11.84 -53.24
C ASN D 149 6.17 -13.18 -53.36
N LEU D 150 4.84 -13.11 -53.50
CA LEU D 150 3.99 -14.30 -53.53
C LEU D 150 3.59 -14.63 -54.97
N ARG D 151 3.54 -13.62 -55.83
CA ARG D 151 3.18 -13.85 -57.21
C ARG D 151 4.11 -13.04 -58.10
N ASP D 152 4.38 -13.52 -59.30
CA ASP D 152 5.19 -12.73 -60.22
C ASP D 152 4.34 -11.59 -60.67
N TRP D 153 4.49 -10.45 -60.03
CA TRP D 153 3.63 -9.32 -60.35
C TRP D 153 4.22 -8.43 -61.41
N GLN D 154 3.38 -7.63 -62.04
CA GLN D 154 3.84 -6.68 -63.05
C GLN D 154 3.55 -5.25 -62.62
N HIS D 155 2.43 -5.06 -61.92
CA HIS D 155 2.05 -3.73 -61.47
C HIS D 155 1.35 -3.83 -60.11
N ILE D 156 1.66 -2.85 -59.24
CA ILE D 156 1.01 -2.71 -57.95
C ILE D 156 0.60 -1.25 -57.77
N SER D 157 -0.71 -1.00 -57.71
CA SER D 157 -1.24 0.36 -57.66
C SER D 157 -2.13 0.53 -56.42
N LEU D 158 -1.73 1.42 -55.49
CA LEU D 158 -2.56 1.68 -54.33
C LEU D 158 -3.15 3.10 -54.39
N PHE D 159 -4.31 3.25 -53.74
CA PHE D 159 -5.02 4.51 -53.68
C PHE D 159 -5.53 4.76 -52.26
N SER D 160 -5.56 6.04 -51.91
CA SER D 160 -6.18 6.54 -50.68
C SER D 160 -6.61 7.98 -50.97
N PRO D 161 -7.71 8.50 -50.37
CA PRO D 161 -8.12 9.88 -50.63
C PRO D 161 -7.08 10.92 -50.24
N SER D 162 -6.28 10.63 -49.20
CA SER D 162 -5.29 11.58 -48.71
C SER D 162 -4.19 11.85 -49.74
N LEU D 163 -3.81 10.84 -50.54
CA LEU D 163 -2.53 10.84 -51.24
C LEU D 163 -2.47 11.91 -52.32
N ALA D 164 -3.63 12.30 -52.89
CA ALA D 164 -3.68 13.46 -53.77
C ALA D 164 -3.28 14.71 -52.98
N LEU D 171 5.42 10.04 -49.95
CA LEU D 171 5.25 9.27 -51.21
C LEU D 171 6.48 8.40 -51.51
N ALA D 172 7.66 8.82 -51.05
CA ALA D 172 8.92 8.16 -51.38
C ALA D 172 9.08 6.84 -50.64
N GLN D 173 8.73 6.80 -49.35
CA GLN D 173 8.84 5.60 -48.55
C GLN D 173 7.95 4.50 -49.12
N LEU D 174 6.68 4.85 -49.33
CA LEU D 174 5.70 3.92 -49.88
C LEU D 174 6.22 3.39 -51.23
N THR D 175 6.54 4.32 -52.13
CA THR D 175 7.00 3.98 -53.48
C THR D 175 8.25 3.10 -53.40
N GLY D 176 9.11 3.31 -52.39
CA GLY D 176 10.36 2.56 -52.25
C GLY D 176 10.14 1.09 -51.89
N LEU D 177 8.97 0.79 -51.30
CA LEU D 177 8.71 -0.51 -50.70
C LEU D 177 8.90 -1.66 -51.70
N ASP D 178 8.38 -1.52 -52.92
CA ASP D 178 8.47 -2.59 -53.93
C ASP D 178 8.72 -1.98 -55.31
N PRO D 179 9.60 -2.57 -56.15
CA PRO D 179 10.00 -1.96 -57.42
C PRO D 179 8.97 -1.90 -58.56
N ARG D 180 7.76 -2.41 -58.33
CA ARG D 180 6.73 -2.48 -59.37
C ARG D 180 5.49 -1.68 -58.94
N LEU D 181 5.68 -0.66 -58.09
CA LEU D 181 4.59 0.09 -57.49
C LEU D 181 4.34 1.41 -58.21
N SER D 182 3.06 1.79 -58.33
CA SER D 182 2.70 3.14 -58.72
C SER D 182 1.48 3.59 -57.91
N ILE D 183 1.52 4.84 -57.41
CA ILE D 183 0.39 5.40 -56.67
C ILE D 183 -0.66 5.84 -57.67
N ALA D 184 -1.90 5.98 -57.25
CA ALA D 184 -2.97 6.36 -58.16
C ALA D 184 -3.75 7.54 -57.63
N ASP D 185 -4.76 7.98 -58.39
CA ASP D 185 -5.51 9.16 -57.98
C ASP D 185 -7.00 8.87 -57.88
N SER D 186 -7.37 7.61 -58.01
CA SER D 186 -8.77 7.23 -57.90
C SER D 186 -8.88 5.76 -57.58
N CYS D 187 -9.85 5.40 -56.75
CA CYS D 187 -10.07 3.98 -56.50
C CYS D 187 -10.19 3.25 -57.84
N ALA D 188 -11.11 3.73 -58.69
CA ALA D 188 -11.39 3.10 -59.97
C ALA D 188 -10.10 2.86 -60.77
N ALA D 189 -9.14 3.79 -60.65
CA ALA D 189 -7.89 3.68 -61.40
C ALA D 189 -7.13 2.42 -61.00
N ALA D 190 -6.93 2.21 -59.70
CA ALA D 190 -6.05 1.16 -59.20
C ALA D 190 -6.62 -0.24 -59.41
N VAL D 191 -7.94 -0.35 -59.57
CA VAL D 191 -8.55 -1.66 -59.70
C VAL D 191 -8.47 -2.14 -61.12
N ALA D 192 -8.11 -1.25 -62.02
CA ALA D 192 -8.04 -1.60 -63.42
C ALA D 192 -7.33 -2.91 -63.66
N ASP D 193 -8.01 -3.83 -64.32
CA ASP D 193 -7.40 -5.09 -64.67
C ASP D 193 -6.74 -5.77 -63.49
N ALA D 194 -7.14 -5.42 -62.28
CA ALA D 194 -6.47 -6.02 -61.13
C ALA D 194 -6.95 -7.46 -60.96
N ASP D 195 -5.99 -8.35 -60.64
CA ASP D 195 -6.29 -9.75 -60.37
C ASP D 195 -6.58 -9.94 -58.87
N VAL D 196 -5.89 -9.15 -58.05
CA VAL D 196 -6.07 -9.20 -56.61
C VAL D 196 -6.26 -7.76 -56.12
N ILE D 197 -7.39 -7.48 -55.47
CA ILE D 197 -7.64 -6.20 -54.84
C ILE D 197 -7.67 -6.38 -53.32
N MET D 198 -6.88 -5.57 -52.61
CA MET D 198 -6.73 -5.73 -51.16
C MET D 198 -7.25 -4.47 -50.47
N LEU D 199 -8.53 -4.49 -50.12
CA LEU D 199 -9.13 -3.44 -49.30
C LEU D 199 -8.51 -3.50 -47.90
N CYS D 200 -7.80 -2.45 -47.51
CA CYS D 200 -7.14 -2.38 -46.21
C CYS D 200 -7.52 -1.09 -45.50
N THR D 201 -8.77 -0.65 -45.66
CA THR D 201 -9.16 0.69 -45.27
C THR D 201 -9.66 0.70 -43.84
N SER D 202 -10.12 1.88 -43.39
CA SER D 202 -10.80 2.04 -42.13
C SER D 202 -12.22 2.55 -42.40
N SER D 203 -12.69 2.35 -43.62
CA SER D 203 -14.03 2.84 -43.93
C SER D 203 -15.04 2.00 -43.17
N ALA D 204 -16.22 2.58 -42.94
CA ALA D 204 -17.33 1.92 -42.27
C ALA D 204 -18.35 1.40 -43.28
N GLY D 205 -18.11 1.65 -44.57
CA GLY D 205 -19.03 1.27 -45.63
C GLY D 205 -18.32 1.04 -46.95
N PRO D 206 -19.06 0.67 -48.03
CA PRO D 206 -18.43 0.25 -49.28
C PRO D 206 -17.42 1.24 -49.85
N VAL D 207 -16.22 0.75 -50.15
CA VAL D 207 -15.19 1.52 -50.83
C VAL D 207 -15.00 0.95 -52.23
N LEU D 208 -15.84 -0.01 -52.62
CA LEU D 208 -15.73 -0.68 -53.91
C LEU D 208 -17.03 -1.42 -54.16
N ASP D 209 -17.50 -1.43 -55.42
CA ASP D 209 -18.60 -2.28 -55.83
C ASP D 209 -18.04 -3.35 -56.74
N PRO D 210 -17.98 -4.64 -56.31
CA PRO D 210 -17.45 -5.70 -57.17
C PRO D 210 -18.03 -5.75 -58.57
N ALA D 211 -19.29 -5.31 -58.74
CA ALA D 211 -20.00 -5.49 -59.99
C ALA D 211 -19.47 -4.55 -61.08
N HIS D 212 -18.65 -3.57 -60.70
CA HIS D 212 -18.21 -2.50 -61.58
C HIS D 212 -16.72 -2.63 -61.88
N LEU D 213 -16.16 -3.84 -61.74
CA LEU D 213 -14.77 -4.11 -62.08
C LEU D 213 -14.69 -4.60 -63.52
N SER D 214 -13.50 -4.53 -64.12
CA SER D 214 -13.31 -4.94 -65.50
C SER D 214 -13.32 -6.46 -65.62
N LYS D 215 -12.97 -7.18 -64.55
CA LYS D 215 -12.94 -8.63 -64.60
C LYS D 215 -13.10 -9.20 -63.20
N PRO D 216 -13.35 -10.52 -63.08
CA PRO D 216 -13.35 -11.19 -61.78
C PRO D 216 -12.00 -11.09 -61.07
N ALA D 217 -12.04 -10.82 -59.77
CA ALA D 217 -10.83 -10.67 -58.97
C ALA D 217 -11.01 -11.29 -57.59
N LEU D 218 -9.87 -11.47 -56.91
CA LEU D 218 -9.82 -11.68 -55.47
C LEU D 218 -9.91 -10.33 -54.79
N ILE D 219 -10.81 -10.24 -53.80
CA ILE D 219 -11.11 -9.02 -53.07
C ILE D 219 -11.03 -9.32 -51.57
N THR D 220 -10.01 -8.78 -50.89
CA THR D 220 -9.81 -9.06 -49.48
C THR D 220 -10.24 -7.82 -48.70
N SER D 221 -10.79 -8.05 -47.49
CA SER D 221 -11.38 -6.99 -46.68
C SER D 221 -11.00 -7.18 -45.20
N ILE D 222 -10.53 -6.12 -44.56
CA ILE D 222 -10.11 -6.25 -43.17
C ILE D 222 -10.82 -5.24 -42.24
N SER D 223 -11.57 -4.26 -42.78
CA SER D 223 -12.15 -3.20 -41.96
C SER D 223 -12.96 -3.77 -40.79
N THR D 224 -12.53 -3.44 -39.56
CA THR D 224 -13.18 -3.91 -38.35
C THR D 224 -13.53 -2.74 -37.44
N ASN D 225 -12.72 -1.68 -37.47
CA ASN D 225 -12.89 -0.59 -36.53
C ASN D 225 -14.10 0.22 -36.95
N ALA D 226 -15.28 -0.40 -36.83
CA ALA D 226 -16.55 0.27 -37.00
C ALA D 226 -17.67 -0.74 -36.81
N PRO D 227 -18.82 -0.34 -36.22
CA PRO D 227 -19.96 -1.23 -36.06
C PRO D 227 -20.47 -1.71 -37.41
N ARG D 228 -20.47 -3.03 -37.62
CA ARG D 228 -20.92 -3.60 -38.88
C ARG D 228 -20.17 -2.99 -40.07
N ALA D 229 -18.89 -2.69 -39.85
CA ALA D 229 -18.06 -2.13 -40.90
C ALA D 229 -18.05 -3.09 -42.07
N HIS D 230 -17.95 -2.55 -43.29
CA HIS D 230 -17.86 -3.37 -44.48
C HIS D 230 -17.34 -2.55 -45.65
N GLU D 231 -16.51 -3.19 -46.47
CA GLU D 231 -15.76 -2.49 -47.48
C GLU D 231 -16.35 -2.75 -48.85
N VAL D 232 -17.40 -3.58 -48.91
CA VAL D 232 -18.10 -3.83 -50.17
C VAL D 232 -19.59 -3.74 -49.87
N PRO D 233 -20.48 -3.68 -50.88
CA PRO D 233 -21.92 -3.73 -50.64
C PRO D 233 -22.33 -5.07 -50.06
N PRO D 234 -23.15 -5.09 -49.00
CA PRO D 234 -23.59 -6.34 -48.40
C PRO D 234 -24.20 -7.28 -49.44
N HIS D 235 -25.02 -6.72 -50.34
CA HIS D 235 -25.75 -7.49 -51.34
C HIS D 235 -24.82 -8.14 -52.37
N SER D 236 -23.57 -7.64 -52.47
CA SER D 236 -22.66 -8.15 -53.48
C SER D 236 -22.22 -9.57 -53.15
N LEU D 237 -22.23 -9.94 -51.87
CA LEU D 237 -21.76 -11.25 -51.44
C LEU D 237 -22.47 -12.37 -52.19
N ASN D 238 -23.77 -12.17 -52.48
CA ASN D 238 -24.56 -13.13 -53.22
C ASN D 238 -24.02 -13.35 -54.63
N ALA D 239 -23.10 -12.47 -55.11
CA ALA D 239 -22.54 -12.54 -56.44
C ALA D 239 -21.02 -12.71 -56.38
N MET D 240 -20.55 -13.34 -55.29
CA MET D 240 -19.12 -13.60 -55.12
C MET D 240 -18.91 -14.94 -54.42
N GLN D 241 -17.70 -15.48 -54.55
CA GLN D 241 -17.35 -16.75 -53.91
C GLN D 241 -16.66 -16.44 -52.59
N VAL D 242 -17.35 -16.71 -51.47
CA VAL D 242 -17.02 -16.12 -50.19
C VAL D 242 -16.11 -17.04 -49.37
N PHE D 243 -15.04 -16.47 -48.84
CA PHE D 243 -14.11 -17.15 -47.96
C PHE D 243 -13.76 -16.21 -46.81
N CYS D 244 -13.36 -16.77 -45.67
CA CYS D 244 -13.07 -15.97 -44.49
C CYS D 244 -12.02 -16.61 -43.61
N ASP D 245 -11.58 -15.89 -42.59
CA ASP D 245 -10.53 -16.39 -41.69
C ASP D 245 -10.97 -17.63 -40.91
N TYR D 246 -12.10 -17.53 -40.23
CA TYR D 246 -12.63 -18.68 -39.50
C TYR D 246 -14.12 -18.78 -39.75
N ARG D 247 -14.57 -19.95 -40.16
CA ARG D 247 -15.96 -20.14 -40.54
C ARG D 247 -16.88 -20.08 -39.32
N GLN D 248 -16.39 -20.53 -38.17
CA GLN D 248 -17.18 -20.75 -36.97
C GLN D 248 -17.49 -19.46 -36.21
N THR D 249 -16.76 -18.36 -36.47
CA THR D 249 -16.90 -17.14 -35.69
C THR D 249 -17.20 -15.92 -36.57
N THR D 250 -16.39 -15.72 -37.62
CA THR D 250 -16.37 -14.44 -38.31
C THR D 250 -17.73 -14.13 -38.93
N PRO D 251 -18.37 -15.05 -39.67
CA PRO D 251 -19.67 -14.77 -40.26
C PRO D 251 -20.72 -14.17 -39.32
N ASP D 252 -20.54 -14.35 -38.00
CA ASP D 252 -21.50 -13.89 -37.00
C ASP D 252 -21.16 -12.48 -36.53
N ALA D 253 -19.99 -12.00 -36.92
CA ALA D 253 -19.53 -10.68 -36.48
C ALA D 253 -19.25 -9.74 -37.66
N ALA D 254 -18.95 -10.26 -38.86
CA ALA D 254 -18.59 -9.44 -40.01
C ALA D 254 -19.80 -8.67 -40.57
N GLY D 255 -19.61 -7.36 -40.73
CA GLY D 255 -20.70 -6.46 -40.99
C GLY D 255 -21.51 -6.84 -42.23
N GLU D 256 -20.80 -7.04 -43.34
CA GLU D 256 -21.46 -7.25 -44.61
C GLU D 256 -22.24 -8.55 -44.62
N MET D 257 -21.67 -9.58 -43.97
CA MET D 257 -22.32 -10.89 -43.83
C MET D 257 -23.59 -10.75 -43.00
N LEU D 258 -23.48 -10.12 -41.83
CA LEU D 258 -24.69 -9.88 -41.05
C LEU D 258 -25.73 -9.17 -41.90
N ILE D 259 -25.32 -8.14 -42.68
CA ILE D 259 -26.28 -7.30 -43.38
C ILE D 259 -26.83 -8.07 -44.60
N ALA D 260 -25.92 -8.72 -45.34
CA ALA D 260 -26.34 -9.60 -46.41
C ALA D 260 -27.43 -10.58 -45.97
N SER D 261 -27.29 -11.17 -44.77
CA SER D 261 -28.17 -12.24 -44.30
C SER D 261 -29.46 -11.67 -43.70
N GLU D 262 -29.35 -10.52 -43.02
CA GLU D 262 -30.55 -9.85 -42.52
C GLU D 262 -31.39 -9.27 -43.64
N GLN D 263 -30.80 -8.85 -44.78
CA GLN D 263 -31.56 -8.07 -45.74
C GLN D 263 -31.59 -8.68 -47.14
N HIS D 264 -30.48 -9.29 -47.58
CA HIS D 264 -30.36 -9.71 -48.96
C HIS D 264 -30.57 -11.22 -49.17
N GLY D 265 -30.77 -11.95 -48.07
CA GLY D 265 -31.09 -13.37 -48.15
C GLY D 265 -29.85 -14.21 -48.41
N TRP D 266 -28.69 -13.69 -48.02
CA TRP D 266 -27.50 -14.51 -47.96
C TRP D 266 -27.49 -15.37 -46.70
N ASP D 267 -26.59 -16.35 -46.72
CA ASP D 267 -26.55 -17.41 -45.73
C ASP D 267 -25.09 -17.80 -45.56
N LYS D 268 -24.66 -17.93 -44.30
CA LYS D 268 -23.28 -18.25 -43.99
C LYS D 268 -22.90 -19.63 -44.55
N ARG D 269 -23.91 -20.45 -44.82
CA ARG D 269 -23.69 -21.73 -45.44
C ARG D 269 -23.05 -21.57 -46.82
N ALA D 270 -23.08 -20.35 -47.36
CA ALA D 270 -22.50 -20.11 -48.67
C ALA D 270 -20.98 -19.98 -48.58
N VAL D 271 -20.42 -19.88 -47.37
CA VAL D 271 -18.99 -19.68 -47.25
C VAL D 271 -18.30 -20.93 -47.74
N MET D 272 -17.46 -20.78 -48.78
CA MET D 272 -16.89 -21.91 -49.48
C MET D 272 -15.66 -22.44 -48.76
N GLY D 273 -15.10 -21.67 -47.83
CA GLY D 273 -13.90 -22.09 -47.14
C GLY D 273 -13.26 -21.03 -46.24
N ASP D 274 -12.56 -21.51 -45.20
CA ASP D 274 -11.81 -20.69 -44.28
C ASP D 274 -10.35 -21.17 -44.29
N LEU D 275 -9.46 -20.40 -43.64
CA LEU D 275 -8.04 -20.61 -43.80
C LEU D 275 -7.63 -21.98 -43.29
N PRO D 276 -8.15 -22.49 -42.16
CA PRO D 276 -7.89 -23.89 -41.78
C PRO D 276 -8.17 -24.84 -42.92
N GLU D 277 -9.37 -24.75 -43.49
CA GLU D 277 -9.80 -25.66 -44.55
C GLU D 277 -8.86 -25.53 -45.75
N LEU D 278 -8.64 -24.30 -46.21
CA LEU D 278 -7.80 -24.06 -47.37
C LEU D 278 -6.44 -24.71 -47.18
N LEU D 279 -5.79 -24.44 -46.03
CA LEU D 279 -4.44 -24.91 -45.76
C LEU D 279 -4.46 -26.34 -45.24
N SER D 280 -5.55 -27.05 -45.55
CA SER D 280 -5.69 -28.43 -45.11
C SER D 280 -6.43 -29.28 -46.15
N ASP D 281 -6.70 -28.72 -47.32
CA ASP D 281 -7.34 -29.48 -48.42
C ASP D 281 -8.76 -29.96 -48.11
N MET D 282 -9.46 -29.26 -47.23
CA MET D 282 -10.84 -29.63 -46.97
C MET D 282 -11.76 -28.51 -47.38
N ALA D 283 -11.30 -27.69 -48.33
CA ALA D 283 -12.13 -26.60 -48.80
C ALA D 283 -12.46 -26.74 -50.27
N GLN D 284 -13.33 -25.83 -50.75
CA GLN D 284 -13.70 -25.76 -52.14
C GLN D 284 -13.00 -24.56 -52.75
N ARG D 285 -11.84 -24.79 -53.37
CA ARG D 285 -11.17 -23.72 -54.09
C ARG D 285 -12.17 -23.19 -55.11
N PRO D 286 -12.20 -21.86 -55.36
CA PRO D 286 -13.20 -21.30 -56.25
C PRO D 286 -12.66 -21.39 -57.66
N ASP D 287 -13.37 -20.79 -58.63
CA ASP D 287 -12.86 -20.54 -59.96
C ASP D 287 -12.80 -19.03 -60.13
N TYR D 288 -12.62 -18.52 -61.35
CA TYR D 288 -12.59 -17.08 -61.54
C TYR D 288 -13.44 -16.69 -62.74
N GLN D 289 -14.65 -17.24 -62.76
CA GLN D 289 -15.72 -16.79 -63.63
C GLN D 289 -16.59 -15.84 -62.82
N ARG D 290 -16.56 -16.02 -61.50
CA ARG D 290 -17.16 -15.07 -60.59
C ARG D 290 -16.05 -14.54 -59.68
N PRO D 291 -16.24 -13.34 -59.09
CA PRO D 291 -15.24 -12.79 -58.18
C PRO D 291 -15.16 -13.62 -56.90
N VAL D 292 -13.97 -13.62 -56.29
CA VAL D 292 -13.74 -14.31 -55.04
C VAL D 292 -13.57 -13.27 -53.94
N PHE D 293 -14.15 -13.56 -52.76
CA PHE D 293 -14.16 -12.63 -51.64
C PHE D 293 -13.58 -13.30 -50.40
N PHE D 294 -12.58 -12.66 -49.78
CA PHE D 294 -12.01 -13.12 -48.53
C PHE D 294 -12.11 -12.04 -47.44
N ARG D 295 -12.74 -12.38 -46.30
CA ARG D 295 -13.00 -11.45 -45.21
C ARG D 295 -12.17 -11.86 -43.98
N SER D 296 -11.46 -10.89 -43.39
CA SER D 296 -10.81 -11.10 -42.12
C SER D 296 -11.32 -10.08 -41.13
N ILE D 297 -11.49 -10.49 -39.88
CA ILE D 297 -11.76 -9.55 -38.82
C ILE D 297 -10.81 -9.82 -37.65
N GLY D 298 -9.71 -10.53 -37.92
CA GLY D 298 -8.78 -10.87 -36.86
C GLY D 298 -9.21 -12.14 -36.13
N LEU D 299 -8.23 -12.90 -35.65
CA LEU D 299 -8.51 -14.04 -34.81
C LEU D 299 -7.50 -14.05 -33.67
N GLY D 300 -7.99 -14.42 -32.48
CA GLY D 300 -7.18 -14.48 -31.27
C GLY D 300 -5.95 -15.38 -31.43
N LEU D 301 -6.12 -16.53 -32.10
CA LEU D 301 -5.01 -17.45 -32.24
C LEU D 301 -3.85 -16.74 -32.90
N GLU D 302 -4.15 -15.77 -33.80
CA GLU D 302 -3.10 -15.05 -34.48
C GLU D 302 -2.30 -14.34 -33.39
N ASP D 303 -2.98 -13.50 -32.61
CA ASP D 303 -2.34 -12.65 -31.61
C ASP D 303 -1.56 -13.47 -30.60
N ILE D 304 -2.08 -14.67 -30.28
CA ILE D 304 -1.49 -15.50 -29.24
C ILE D 304 -0.26 -16.22 -29.79
N ALA D 305 -0.35 -16.74 -31.01
CA ALA D 305 0.78 -17.32 -31.72
C ALA D 305 2.00 -16.40 -31.65
N LEU D 306 1.80 -15.13 -32.01
CA LEU D 306 2.88 -14.17 -32.07
C LEU D 306 3.43 -13.90 -30.68
N ALA D 307 2.55 -13.73 -29.70
CA ALA D 307 3.00 -13.51 -28.34
C ALA D 307 3.87 -14.68 -27.85
N ASN D 308 3.45 -15.93 -28.12
CA ASN D 308 4.22 -17.09 -27.72
C ASN D 308 5.59 -17.09 -28.42
N ALA D 309 5.65 -16.50 -29.62
CA ALA D 309 6.90 -16.43 -30.37
C ALA D 309 7.87 -15.39 -29.74
N LEU D 310 7.36 -14.26 -29.24
CA LEU D 310 8.24 -13.28 -28.58
C LEU D 310 8.72 -13.88 -27.26
N TYR D 311 7.91 -14.75 -26.65
CA TYR D 311 8.22 -15.34 -25.36
C TYR D 311 9.33 -16.38 -25.50
N GLN D 312 9.35 -17.16 -26.60
CA GLN D 312 10.37 -18.18 -26.82
C GLN D 312 11.74 -17.56 -27.09
N LEU D 313 11.76 -16.30 -27.54
CA LEU D 313 13.01 -15.57 -27.71
C LEU D 313 13.41 -14.94 -26.39
N GLN D 314 12.48 -14.23 -25.75
CA GLN D 314 12.69 -13.65 -24.43
C GLN D 314 13.25 -14.71 -23.50
N ARG D 315 12.60 -15.89 -23.47
CA ARG D 315 12.95 -16.94 -22.53
C ARG D 315 14.43 -17.31 -22.68
#